data_4MQE
#
_entry.id   4MQE
#
_cell.length_a   71.080
_cell.length_b   113.080
_cell.length_c   73.110
_cell.angle_alpha   90.000
_cell.angle_beta   97.580
_cell.angle_gamma   90.000
#
_symmetry.space_group_name_H-M   'P 1 21 1'
#
loop_
_entity.id
_entity.type
_entity.pdbx_description
1 polymer 'Gamma-aminobutyric acid type B receptor subunit 1'
2 polymer 'Gamma-aminobutyric acid type B receptor subunit 2'
3 branched alpha-D-mannopyranose-(1-3)-[alpha-D-mannopyranose-(1-6)]alpha-D-mannopyranose-(1-4)-2-acetamido-2-deoxy-beta-D-glucopyranose-(1-4)-[alpha-L-fucopyranose-(1-6)]2-acetamido-2-deoxy-beta-D-glucopyranose
4 branched alpha-D-mannopyranose-(1-4)-2-acetamido-2-deoxy-beta-D-glucopyranose-(1-4)-[alpha-L-fucopyranose-(1-6)]2-acetamido-2-deoxy-beta-D-glucopyranose
5 non-polymer 2-acetamido-2-deoxy-beta-D-glucopyranose
6 water water
#
loop_
_entity_poly.entity_id
_entity_poly.type
_entity_poly.pdbx_seq_one_letter_code
_entity_poly.pdbx_strand_id
1 'polypeptide(L)'
;SERRAVYIGALFPMSGGWPGGQACQPAVEMALEDVNSRRDILPDYELKLIHHDSKCDPGQATKYLYELLYNDPIKIILMP
GCSSVSTLVAEAARMWNLIVLSYGSSSPALSNRQRFPTFFRTHPSATLHNPTRVKLFEKWGWKKIATIQQTTEVFTSTLD
DLEERVKEAGIEITFRQSFFSDPAVPVKNLKRQDARIIVGLFYETEARKVFCEVYKERLFGKKYVWFLIGWYADNWFKIY
DPSINCTVDEMTEAVEGHITTEIVMLNPANTRSISNMTSQEFVEKLTKRLKRHPEETGGFQEAPLAYDAIWALALALNKT
SGGGGRSGVRLEDFNYNNQTITDQIYRAMNSSSFEGVSGHVVFDASGSRMAWTLIEQLQGGSYKKIGYYDSTKDDLSWSK
TDKWIGGSPPADDYKDDDDK
;
A
2 'polypeptide(L)'
;WARGAPRPPPSSPPLSIMGLMPLTKEVAKGSIGRGVLPAVELAIEQIRNESLLRPYFLDLRLYDTECDNAKGLKAFYDAI
KYGPNHLMVFGGVCPSVTSIIAESLQGWNLVQLSFAATTPVLADKKKYPYFFRTVPSDNAVNPAILKLLKHYQWKRVGTL
TQDVQRFSEVRNDLTGVLYGEDIEISDTESFSNDPCTSVKKLKGNDVRIILGQFDQNMAAKVFCCAYEENMYGSKYQWII
PGWYEPSWWEQVHTEANSSRCLRKNLLAAMEGYIGVDFEPLSSKQIKTISGKTPQQYEREYNNKRSGVGPSKFHGYAYDG
IWVIAKTLQRAMETLHASSRHQRIQDFNYTDHTLGRIILNAMNETNFFGVTGQVVFRNGERMGTIKFTQFQDSREVKVGE
YNAVADTLEIINDTIRFQGSEPPKDDYKDDDDK
;
B
#
loop_
_chem_comp.id
_chem_comp.type
_chem_comp.name
_chem_comp.formula
FUC L-saccharide, alpha linking alpha-L-fucopyranose 'C6 H12 O5'
MAN D-saccharide, alpha linking alpha-D-mannopyranose 'C6 H12 O6'
NAG D-saccharide, beta linking 2-acetamido-2-deoxy-beta-D-glucopyranose 'C8 H15 N O6'
#
# COMPACT_ATOMS: atom_id res chain seq x y z
N SER A 1 24.25 41.87 -6.25
CA SER A 1 24.61 42.10 -7.64
C SER A 1 24.66 40.86 -8.48
N GLU A 2 25.07 39.79 -7.83
CA GLU A 2 25.27 38.47 -8.37
C GLU A 2 24.03 37.61 -8.06
N ARG A 3 23.30 37.21 -9.10
CA ARG A 3 22.08 36.39 -8.96
C ARG A 3 22.47 34.94 -8.67
N ARG A 4 21.95 34.39 -7.58
CA ARG A 4 22.28 33.04 -7.12
C ARG A 4 21.24 31.98 -7.49
N ALA A 5 21.71 30.85 -8.04
CA ALA A 5 20.87 29.71 -8.43
C ALA A 5 20.28 28.99 -7.22
N VAL A 6 18.99 28.70 -7.29
CA VAL A 6 18.20 28.00 -6.26
C VAL A 6 17.46 26.88 -7.04
N TYR A 7 17.60 25.64 -6.56
CA TYR A 7 17.14 24.47 -7.29
C TYR A 7 15.97 23.68 -6.72
N ILE A 8 15.08 23.28 -7.63
CA ILE A 8 13.92 22.42 -7.43
C ILE A 8 14.32 21.02 -7.96
N GLY A 9 14.04 19.99 -7.17
CA GLY A 9 14.21 18.60 -7.59
C GLY A 9 12.85 18.07 -8.00
N ALA A 10 12.62 17.88 -9.29
CA ALA A 10 11.31 17.42 -9.73
C ALA A 10 11.34 16.03 -10.32
N LEU A 11 10.16 15.37 -10.26
CA LEU A 11 9.89 14.06 -10.82
C LEU A 11 8.67 14.22 -11.71
N PHE A 12 8.82 13.90 -13.00
CA PHE A 12 7.72 14.01 -13.94
C PHE A 12 7.34 12.64 -14.46
N PRO A 13 6.08 12.19 -14.29
CA PRO A 13 5.74 10.86 -14.81
C PRO A 13 5.45 10.97 -16.32
N MET A 14 6.44 10.58 -17.14
CA MET A 14 6.34 10.58 -18.60
C MET A 14 5.58 9.37 -19.12
N SER A 15 5.43 8.34 -18.26
CA SER A 15 4.66 7.12 -18.48
C SER A 15 4.03 6.65 -17.15
N GLY A 16 3.39 5.48 -17.16
CA GLY A 16 2.71 4.89 -16.02
C GLY A 16 1.21 5.13 -16.00
N GLY A 17 0.61 5.00 -14.80
CA GLY A 17 -0.81 5.16 -14.54
C GLY A 17 -1.37 6.54 -14.84
N TRP A 18 -0.58 7.59 -14.56
CA TRP A 18 -0.92 9.00 -14.85
C TRP A 18 0.32 9.62 -15.48
N PRO A 19 0.39 9.66 -16.83
CA PRO A 19 1.56 10.25 -17.50
C PRO A 19 1.41 11.78 -17.57
N GLY A 20 1.17 12.39 -16.40
CA GLY A 20 0.96 13.81 -16.24
C GLY A 20 2.13 14.71 -16.56
N GLY A 21 3.35 14.16 -16.48
CA GLY A 21 4.59 14.88 -16.76
C GLY A 21 4.78 15.39 -18.18
N GLN A 22 4.08 14.76 -19.16
CA GLN A 22 4.14 15.07 -20.59
C GLN A 22 3.76 16.53 -20.91
N ALA A 23 2.72 17.05 -20.28
CA ALA A 23 2.33 18.45 -20.43
C ALA A 23 2.77 19.31 -19.23
N CYS A 24 3.02 18.67 -18.05
CA CYS A 24 3.41 19.35 -16.80
C CYS A 24 4.87 19.84 -16.79
N GLN A 25 5.80 19.11 -17.41
CA GLN A 25 7.19 19.59 -17.48
C GLN A 25 7.33 20.89 -18.30
N PRO A 26 6.77 21.01 -19.54
CA PRO A 26 6.85 22.29 -20.26
C PRO A 26 6.15 23.43 -19.50
N ALA A 27 4.97 23.13 -18.83
CA ALA A 27 4.21 24.11 -18.04
C ALA A 27 5.08 24.66 -16.91
N VAL A 28 5.93 23.80 -16.33
CA VAL A 28 6.88 24.11 -15.27
C VAL A 28 8.01 24.99 -15.86
N GLU A 29 8.50 24.63 -17.08
CA GLU A 29 9.57 25.31 -17.84
C GLU A 29 9.14 26.73 -18.21
N MET A 30 7.87 26.90 -18.60
CA MET A 30 7.25 28.16 -18.93
C MET A 30 7.14 29.00 -17.67
N ALA A 31 6.61 28.42 -16.57
CA ALA A 31 6.44 29.15 -15.31
C ALA A 31 7.75 29.68 -14.73
N LEU A 32 8.85 28.91 -14.84
CA LEU A 32 10.17 29.29 -14.37
C LEU A 32 10.71 30.47 -15.19
N GLU A 33 10.55 30.44 -16.53
CA GLU A 33 10.91 31.52 -17.44
C GLU A 33 10.16 32.79 -17.03
N ASP A 34 8.85 32.66 -16.75
CA ASP A 34 7.96 33.75 -16.33
C ASP A 34 8.33 34.35 -15.00
N VAL A 35 8.73 33.51 -14.03
CA VAL A 35 9.12 33.98 -12.68
C VAL A 35 10.50 34.64 -12.73
N ASN A 36 11.44 34.01 -13.46
CA ASN A 36 12.81 34.50 -13.61
C ASN A 36 12.87 35.81 -14.44
N SER A 37 11.99 36.00 -15.44
CA SER A 37 11.99 37.23 -16.25
C SER A 37 11.39 38.42 -15.50
N ARG A 38 10.63 38.17 -14.42
CA ARG A 38 10.01 39.20 -13.60
C ARG A 38 10.98 39.60 -12.50
N ARG A 39 11.45 40.88 -12.50
CA ARG A 39 12.42 41.34 -11.51
C ARG A 39 11.81 41.69 -10.12
N ASP A 40 10.46 41.65 -10.00
CA ASP A 40 9.78 41.95 -8.74
C ASP A 40 9.48 40.72 -7.85
N ILE A 41 9.81 39.49 -8.31
CA ILE A 41 9.57 38.28 -7.50
C ILE A 41 10.87 37.87 -6.78
N LEU A 42 11.83 37.27 -7.50
CA LEU A 42 13.09 36.90 -6.86
C LEU A 42 14.23 37.59 -7.62
N PRO A 43 14.43 38.94 -7.45
CA PRO A 43 15.48 39.64 -8.22
C PRO A 43 16.89 39.13 -7.94
N ASP A 44 17.16 38.77 -6.66
CA ASP A 44 18.42 38.26 -6.11
C ASP A 44 18.67 36.77 -6.46
N TYR A 45 17.59 36.04 -6.82
CA TYR A 45 17.68 34.61 -7.09
C TYR A 45 17.17 34.16 -8.44
N GLU A 46 17.77 33.06 -8.95
CA GLU A 46 17.37 32.42 -10.19
C GLU A 46 16.91 30.99 -9.87
N LEU A 47 15.64 30.70 -10.19
CA LEU A 47 15.01 29.41 -9.96
C LEU A 47 15.34 28.49 -11.10
N LYS A 48 16.00 27.37 -10.76
CA LYS A 48 16.46 26.36 -11.71
C LYS A 48 15.83 24.98 -11.42
N LEU A 49 15.67 24.17 -12.48
CA LEU A 49 15.04 22.86 -12.38
C LEU A 49 15.98 21.74 -12.72
N ILE A 50 16.03 20.73 -11.85
CA ILE A 50 16.73 19.47 -12.04
C ILE A 50 15.63 18.42 -11.92
N HIS A 51 15.42 17.65 -12.99
CA HIS A 51 14.33 16.70 -13.05
C HIS A 51 14.71 15.30 -13.54
N HIS A 52 13.81 14.32 -13.29
CA HIS A 52 13.90 12.93 -13.75
C HIS A 52 12.51 12.42 -14.08
N ASP A 53 12.42 11.37 -14.90
CA ASP A 53 11.17 10.70 -15.25
C ASP A 53 10.95 9.54 -14.26
N SER A 54 9.94 9.69 -13.36
CA SER A 54 9.57 8.75 -12.31
C SER A 54 8.86 7.53 -12.85
N LYS A 55 8.24 7.64 -14.06
CA LYS A 55 7.46 6.57 -14.71
C LYS A 55 6.23 6.14 -13.87
N CYS A 56 5.79 7.02 -12.93
CA CYS A 56 4.64 6.90 -12.01
C CYS A 56 4.72 5.60 -11.18
N ASP A 57 5.94 5.32 -10.76
CA ASP A 57 6.29 4.10 -10.06
C ASP A 57 7.16 4.45 -8.84
N PRO A 58 6.67 4.13 -7.62
CA PRO A 58 7.46 4.39 -6.39
C PRO A 58 8.86 3.78 -6.40
N GLY A 59 8.99 2.56 -6.90
CA GLY A 59 10.26 1.84 -6.95
C GLY A 59 11.28 2.55 -7.82
N GLN A 60 10.82 3.00 -8.99
CA GLN A 60 11.56 3.76 -10.01
C GLN A 60 11.93 5.11 -9.45
N ALA A 61 10.97 5.79 -8.79
CA ALA A 61 11.14 7.10 -8.19
C ALA A 61 12.15 7.10 -7.05
N THR A 62 12.25 5.96 -6.29
CA THR A 62 13.20 5.79 -5.18
C THR A 62 14.65 5.97 -5.67
N LYS A 63 14.93 5.52 -6.87
CA LYS A 63 16.22 5.66 -7.52
C LYS A 63 16.54 7.15 -7.81
N TYR A 64 15.55 7.88 -8.33
CA TYR A 64 15.74 9.29 -8.69
C TYR A 64 15.73 10.22 -7.50
N LEU A 65 14.95 9.88 -6.44
CA LEU A 65 14.94 10.62 -5.20
C LEU A 65 16.35 10.58 -4.64
N TYR A 66 17.03 9.41 -4.68
CA TYR A 66 18.44 9.27 -4.26
C TYR A 66 19.31 10.24 -5.06
N GLU A 67 19.19 10.17 -6.41
CA GLU A 67 19.91 10.98 -7.39
C GLU A 67 19.74 12.46 -7.13
N LEU A 68 18.54 12.89 -6.74
CA LEU A 68 18.27 14.30 -6.42
C LEU A 68 18.92 14.75 -5.10
N LEU A 69 18.86 13.92 -4.06
CA LEU A 69 19.40 14.24 -2.74
C LEU A 69 20.90 14.03 -2.53
N TYR A 70 21.51 13.03 -3.20
CA TYR A 70 22.91 12.69 -2.95
C TYR A 70 23.88 13.21 -4.03
N ASN A 71 23.37 14.08 -4.92
CA ASN A 71 24.18 14.75 -5.93
C ASN A 71 24.02 16.26 -5.80
N ASP A 72 25.16 16.97 -5.91
CA ASP A 72 25.20 18.42 -5.94
C ASP A 72 24.52 18.86 -7.26
N PRO A 73 23.79 19.98 -7.30
CA PRO A 73 23.60 20.96 -6.21
C PRO A 73 22.52 20.60 -5.21
N ILE A 74 22.57 21.22 -4.03
CA ILE A 74 21.55 21.06 -3.00
C ILE A 74 20.20 21.57 -3.55
N LYS A 75 19.12 20.77 -3.39
CA LYS A 75 17.78 21.17 -3.82
C LYS A 75 17.07 21.76 -2.61
N ILE A 76 16.21 22.77 -2.83
CA ILE A 76 15.49 23.48 -1.75
C ILE A 76 14.05 22.99 -1.60
N ILE A 77 13.56 22.34 -2.64
CA ILE A 77 12.20 21.80 -2.67
C ILE A 77 12.16 20.56 -3.56
N LEU A 78 11.20 19.65 -3.28
CA LEU A 78 10.97 18.46 -4.08
C LEU A 78 9.58 18.58 -4.69
N MET A 79 9.47 18.28 -6.00
CA MET A 79 8.24 18.38 -6.76
C MET A 79 7.80 17.08 -7.48
N PRO A 80 7.06 16.17 -6.80
CA PRO A 80 6.57 14.96 -7.50
C PRO A 80 5.17 15.15 -8.11
N GLY A 81 4.79 14.26 -9.02
CA GLY A 81 3.49 14.27 -9.68
C GLY A 81 2.46 13.31 -9.09
N CYS A 82 2.59 11.99 -9.40
CA CYS A 82 1.72 10.88 -8.95
C CYS A 82 1.53 10.79 -7.44
N SER A 83 0.34 10.36 -7.00
CA SER A 83 0.00 10.14 -5.59
C SER A 83 0.94 9.13 -4.97
N SER A 84 1.22 8.02 -5.68
CA SER A 84 2.10 6.96 -5.19
C SER A 84 3.54 7.47 -5.03
N VAL A 85 3.98 8.35 -5.92
CA VAL A 85 5.34 8.92 -5.87
C VAL A 85 5.41 9.99 -4.76
N SER A 86 4.37 10.82 -4.65
CA SER A 86 4.28 11.85 -3.61
C SER A 86 4.20 11.20 -2.23
N THR A 87 3.54 10.01 -2.07
CA THR A 87 3.47 9.33 -0.76
C THR A 87 4.88 8.94 -0.32
N LEU A 88 5.67 8.38 -1.28
CA LEU A 88 7.04 8.02 -1.02
C LEU A 88 7.95 9.23 -0.70
N VAL A 89 7.96 10.29 -1.54
CA VAL A 89 8.91 11.39 -1.32
C VAL A 89 8.44 12.29 -0.15
N ALA A 90 7.12 12.46 0.07
CA ALA A 90 6.62 13.30 1.17
C ALA A 90 6.88 12.69 2.56
N GLU A 91 6.89 11.35 2.66
CA GLU A 91 7.16 10.66 3.92
C GLU A 91 8.66 10.67 4.25
N ALA A 92 9.49 10.42 3.23
CA ALA A 92 10.94 10.42 3.31
C ALA A 92 11.55 11.83 3.57
N ALA A 93 10.92 12.91 3.02
CA ALA A 93 11.41 14.29 3.03
C ALA A 93 11.89 14.88 4.38
N ARG A 94 11.24 14.55 5.52
CA ARG A 94 11.64 15.09 6.85
C ARG A 94 13.11 14.79 7.21
N MET A 95 13.69 13.71 6.63
CA MET A 95 15.07 13.33 6.89
C MET A 95 16.10 14.23 6.21
N TRP A 96 15.64 15.09 5.30
CA TRP A 96 16.47 16.04 4.57
C TRP A 96 15.89 17.45 4.71
N ASN A 97 14.94 17.63 5.67
CA ASN A 97 14.28 18.90 5.96
C ASN A 97 13.83 19.60 4.70
N LEU A 98 13.06 18.88 3.89
CA LEU A 98 12.59 19.36 2.59
C LEU A 98 11.12 19.52 2.46
N ILE A 99 10.71 20.65 1.86
CA ILE A 99 9.31 20.94 1.52
C ILE A 99 9.01 20.08 0.29
N VAL A 100 7.82 19.51 0.24
CA VAL A 100 7.40 18.70 -0.90
C VAL A 100 6.18 19.38 -1.49
N LEU A 101 6.21 19.66 -2.78
CA LEU A 101 5.10 20.30 -3.46
C LEU A 101 4.67 19.48 -4.66
N SER A 102 3.47 18.88 -4.59
CA SER A 102 2.96 18.08 -5.68
C SER A 102 2.05 18.88 -6.59
N TYR A 103 2.17 18.63 -7.90
CA TYR A 103 1.34 19.31 -8.90
C TYR A 103 0.26 18.37 -9.41
N GLY A 104 0.34 17.07 -9.08
CA GLY A 104 -0.63 16.11 -9.60
C GLY A 104 -1.31 15.11 -8.68
N SER A 105 -1.11 15.22 -7.37
CA SER A 105 -1.67 14.24 -6.42
C SER A 105 -3.07 14.56 -5.91
N SER A 106 -3.98 13.60 -6.05
CA SER A 106 -5.38 13.75 -5.61
C SER A 106 -5.75 12.83 -4.45
N SER A 107 -4.91 11.83 -4.10
CA SER A 107 -5.19 10.88 -3.04
C SER A 107 -5.54 11.54 -1.69
N PRO A 108 -6.73 11.26 -1.09
CA PRO A 108 -7.06 11.88 0.23
C PRO A 108 -6.05 11.61 1.36
N ALA A 109 -5.37 10.45 1.31
CA ALA A 109 -4.37 10.04 2.31
C ALA A 109 -3.21 11.01 2.41
N LEU A 110 -2.90 11.72 1.31
CA LEU A 110 -1.82 12.69 1.29
C LEU A 110 -2.12 13.97 2.07
N SER A 111 -3.33 14.09 2.67
CA SER A 111 -3.64 15.26 3.49
C SER A 111 -3.58 14.90 5.00
N ASN A 112 -2.49 14.22 5.40
CA ASN A 112 -2.14 13.75 6.75
C ASN A 112 -0.79 14.39 7.16
N ARG A 113 -0.85 15.37 8.08
CA ARG A 113 0.32 16.11 8.54
C ARG A 113 1.28 15.30 9.42
N GLN A 114 0.83 14.19 10.03
CA GLN A 114 1.69 13.34 10.86
C GLN A 114 2.68 12.56 9.97
N ARG A 115 2.17 11.97 8.86
CA ARG A 115 2.96 11.21 7.89
C ARG A 115 3.73 12.14 6.93
N PHE A 116 3.11 13.28 6.56
CA PHE A 116 3.63 14.23 5.56
C PHE A 116 3.72 15.65 6.14
N PRO A 117 4.68 15.89 7.07
CA PRO A 117 4.73 17.19 7.76
C PRO A 117 5.09 18.43 6.92
N THR A 118 5.77 18.29 5.76
CA THR A 118 6.19 19.43 4.93
C THR A 118 5.57 19.43 3.51
N PHE A 119 4.44 18.70 3.32
CA PHE A 119 3.76 18.50 2.05
C PHE A 119 2.71 19.54 1.68
N PHE A 120 2.75 19.97 0.43
CA PHE A 120 1.78 20.87 -0.19
C PHE A 120 1.44 20.32 -1.59
N ARG A 121 0.24 20.63 -2.08
CA ARG A 121 -0.21 20.23 -3.41
C ARG A 121 -1.16 21.26 -4.04
N THR A 122 -0.90 21.69 -5.29
CA THR A 122 -1.78 22.61 -6.03
C THR A 122 -2.93 21.82 -6.63
N HIS A 123 -2.80 20.49 -6.66
CA HIS A 123 -3.87 19.60 -7.07
C HIS A 123 -4.73 19.35 -5.81
N PRO A 124 -6.04 19.62 -5.83
CA PRO A 124 -6.86 19.35 -4.65
C PRO A 124 -7.02 17.86 -4.36
N SER A 125 -7.40 17.53 -3.10
CA SER A 125 -7.68 16.16 -2.67
C SER A 125 -8.99 15.73 -3.34
N ALA A 126 -9.18 14.42 -3.56
CA ALA A 126 -10.41 13.85 -4.12
C ALA A 126 -11.61 14.14 -3.19
N THR A 127 -11.35 14.46 -1.90
CA THR A 127 -12.36 14.85 -0.89
C THR A 127 -13.00 16.20 -1.22
N LEU A 128 -12.46 16.96 -2.21
CA LEU A 128 -13.03 18.26 -2.62
C LEU A 128 -14.43 18.12 -3.25
N HIS A 129 -14.78 16.89 -3.70
CA HIS A 129 -16.10 16.62 -4.28
C HIS A 129 -17.18 16.58 -3.20
N ASN A 130 -16.80 16.13 -1.97
CA ASN A 130 -17.67 15.94 -0.81
C ASN A 130 -18.40 17.25 -0.35
N PRO A 131 -17.77 18.46 -0.15
CA PRO A 131 -18.60 19.65 0.21
C PRO A 131 -19.62 20.04 -0.87
N THR A 132 -19.30 19.83 -2.16
CA THR A 132 -20.21 20.11 -3.26
C THR A 132 -21.38 19.12 -3.19
N ARG A 133 -21.10 17.86 -2.87
CA ARG A 133 -22.10 16.82 -2.71
C ARG A 133 -23.05 17.17 -1.56
N VAL A 134 -22.50 17.45 -0.35
CA VAL A 134 -23.31 17.82 0.82
C VAL A 134 -24.15 19.07 0.51
N LYS A 135 -23.61 20.05 -0.26
CA LYS A 135 -24.32 21.27 -0.67
C LYS A 135 -25.48 20.98 -1.65
N LEU A 136 -25.29 20.03 -2.59
CA LEU A 136 -26.32 19.66 -3.57
C LEU A 136 -27.45 18.89 -2.89
N PHE A 137 -27.08 18.10 -1.87
CA PHE A 137 -28.02 17.33 -1.05
C PHE A 137 -28.91 18.33 -0.28
N GLU A 138 -28.27 19.33 0.36
CA GLU A 138 -28.91 20.41 1.15
C GLU A 138 -29.86 21.25 0.30
N LYS A 139 -29.50 21.51 -0.96
CA LYS A 139 -30.26 22.29 -1.93
C LYS A 139 -31.57 21.58 -2.28
N TRP A 140 -31.48 20.30 -2.70
CA TRP A 140 -32.59 19.48 -3.15
C TRP A 140 -33.34 18.75 -2.02
N GLY A 141 -32.98 19.04 -0.78
CA GLY A 141 -33.62 18.53 0.43
C GLY A 141 -33.61 17.03 0.58
N TRP A 142 -32.40 16.44 0.59
CA TRP A 142 -32.21 15.02 0.80
C TRP A 142 -31.35 14.82 2.05
N LYS A 143 -31.72 13.84 2.88
CA LYS A 143 -31.02 13.53 4.14
C LYS A 143 -30.68 12.03 4.23
N LYS A 144 -31.05 11.25 3.18
CA LYS A 144 -30.81 9.81 3.07
C LYS A 144 -30.05 9.51 1.76
N ILE A 145 -28.76 9.13 1.88
CA ILE A 145 -27.89 8.86 0.72
C ILE A 145 -27.28 7.46 0.77
N ALA A 146 -27.33 6.76 -0.37
CA ALA A 146 -26.71 5.45 -0.55
C ALA A 146 -25.38 5.70 -1.29
N THR A 147 -24.35 4.89 -0.99
CA THR A 147 -23.04 5.04 -1.61
C THR A 147 -22.60 3.70 -2.20
N ILE A 148 -21.98 3.73 -3.41
CA ILE A 148 -21.46 2.53 -4.09
C ILE A 148 -20.05 2.84 -4.63
N GLN A 149 -19.08 2.05 -4.19
CA GLN A 149 -17.72 2.28 -4.61
C GLN A 149 -17.06 1.06 -5.19
N GLN A 150 -16.04 1.29 -6.00
CA GLN A 150 -15.17 0.23 -6.48
C GLN A 150 -14.12 0.15 -5.35
N THR A 151 -13.58 -1.05 -5.09
CA THR A 151 -12.60 -1.29 -4.04
C THR A 151 -11.20 -0.76 -4.45
N THR A 152 -10.90 0.47 -4.01
CA THR A 152 -9.64 1.21 -4.21
C THR A 152 -9.51 2.08 -2.97
N GLU A 153 -8.27 2.24 -2.49
CA GLU A 153 -7.96 3.08 -1.33
C GLU A 153 -8.48 4.50 -1.49
N VAL A 154 -8.28 5.12 -2.68
CA VAL A 154 -8.74 6.49 -2.92
C VAL A 154 -10.26 6.63 -2.76
N PHE A 155 -11.05 5.65 -3.24
CA PHE A 155 -12.51 5.67 -3.14
C PHE A 155 -13.01 5.46 -1.70
N THR A 156 -12.35 4.54 -0.99
CA THR A 156 -12.63 4.23 0.41
C THR A 156 -12.39 5.48 1.26
N SER A 157 -11.23 6.15 1.04
CA SER A 157 -10.82 7.37 1.70
C SER A 157 -11.80 8.50 1.43
N THR A 158 -12.31 8.61 0.17
CA THR A 158 -13.26 9.65 -0.24
C THR A 158 -14.62 9.44 0.45
N LEU A 159 -15.07 8.19 0.50
CA LEU A 159 -16.32 7.86 1.16
C LEU A 159 -16.19 8.03 2.67
N ASP A 160 -14.98 7.74 3.23
CA ASP A 160 -14.71 7.93 4.66
C ASP A 160 -14.86 9.40 5.04
N ASP A 161 -14.37 10.30 4.18
CA ASP A 161 -14.50 11.74 4.39
C ASP A 161 -15.95 12.18 4.27
N LEU A 162 -16.70 11.64 3.28
CA LEU A 162 -18.11 11.97 3.04
C LEU A 162 -19.00 11.71 4.27
N GLU A 163 -18.68 10.63 5.02
CA GLU A 163 -19.36 10.23 6.26
C GLU A 163 -19.33 11.36 7.30
N GLU A 164 -18.12 11.84 7.68
CA GLU A 164 -17.98 12.91 8.66
C GLU A 164 -18.55 14.27 8.17
N ARG A 165 -18.67 14.46 6.84
CA ARG A 165 -19.22 15.68 6.24
C ARG A 165 -20.77 15.67 6.20
N VAL A 166 -21.38 14.49 6.00
CA VAL A 166 -22.84 14.37 5.99
C VAL A 166 -23.40 14.51 7.42
N LYS A 167 -22.65 14.00 8.43
CA LYS A 167 -22.97 14.07 9.86
C LYS A 167 -23.04 15.52 10.34
N GLU A 168 -22.20 16.41 9.77
CA GLU A 168 -22.17 17.84 10.10
C GLU A 168 -23.40 18.58 9.55
N ALA A 169 -23.96 18.09 8.43
CA ALA A 169 -25.10 18.72 7.74
C ALA A 169 -26.48 18.12 8.09
N GLY A 170 -26.50 17.16 9.00
CA GLY A 170 -27.72 16.48 9.42
C GLY A 170 -28.26 15.59 8.32
N ILE A 171 -27.35 14.84 7.67
CA ILE A 171 -27.61 13.92 6.58
C ILE A 171 -26.94 12.59 6.94
N GLU A 172 -27.56 11.45 6.58
CA GLU A 172 -26.99 10.15 6.91
C GLU A 172 -26.81 9.23 5.71
N ILE A 173 -25.84 8.30 5.80
CA ILE A 173 -25.59 7.33 4.73
C ILE A 173 -26.39 6.09 5.09
N THR A 174 -27.40 5.80 4.26
CA THR A 174 -28.32 4.67 4.44
C THR A 174 -27.64 3.34 4.24
N PHE A 175 -26.98 3.17 3.07
CA PHE A 175 -26.32 1.92 2.68
C PHE A 175 -25.02 2.17 1.93
N ARG A 176 -24.02 1.32 2.20
CA ARG A 176 -22.71 1.37 1.57
C ARG A 176 -22.36 0.00 1.05
N GLN A 177 -22.14 -0.06 -0.27
CA GLN A 177 -21.79 -1.29 -0.97
C GLN A 177 -20.51 -1.09 -1.77
N SER A 178 -19.76 -2.18 -1.97
CA SER A 178 -18.49 -2.14 -2.67
C SER A 178 -18.32 -3.34 -3.58
N PHE A 179 -17.43 -3.21 -4.58
CA PHE A 179 -17.13 -4.27 -5.52
C PHE A 179 -15.71 -4.13 -6.01
N PHE A 180 -15.02 -5.24 -6.22
CA PHE A 180 -13.68 -5.18 -6.73
C PHE A 180 -13.72 -4.96 -8.26
N SER A 181 -14.39 -5.86 -9.00
CA SER A 181 -14.49 -5.84 -10.46
C SER A 181 -15.92 -5.94 -11.00
N ASP A 182 -16.77 -6.80 -10.38
CA ASP A 182 -18.17 -7.01 -10.80
C ASP A 182 -19.18 -6.30 -9.89
N PRO A 183 -19.94 -5.33 -10.45
CA PRO A 183 -20.93 -4.61 -9.62
C PRO A 183 -22.37 -5.17 -9.61
N ALA A 184 -22.59 -6.43 -10.05
CA ALA A 184 -23.94 -7.02 -10.11
C ALA A 184 -24.66 -7.13 -8.76
N VAL A 185 -24.00 -7.70 -7.74
CA VAL A 185 -24.60 -7.87 -6.41
C VAL A 185 -24.75 -6.48 -5.70
N PRO A 186 -23.77 -5.53 -5.68
CA PRO A 186 -24.03 -4.23 -5.01
C PRO A 186 -25.18 -3.42 -5.61
N VAL A 187 -25.39 -3.46 -6.95
CA VAL A 187 -26.49 -2.71 -7.57
C VAL A 187 -27.84 -3.38 -7.28
N LYS A 188 -27.90 -4.74 -7.31
CA LYS A 188 -29.10 -5.51 -7.00
C LYS A 188 -29.58 -5.16 -5.58
N ASN A 189 -28.62 -4.96 -4.64
CA ASN A 189 -28.89 -4.55 -3.26
C ASN A 189 -29.45 -3.14 -3.17
N LEU A 190 -28.99 -2.21 -4.06
CA LEU A 190 -29.48 -0.83 -4.10
C LEU A 190 -30.96 -0.77 -4.45
N LYS A 191 -31.40 -1.66 -5.38
CA LYS A 191 -32.81 -1.78 -5.77
C LYS A 191 -33.62 -2.38 -4.61
N ARG A 192 -33.10 -3.49 -4.03
CA ARG A 192 -33.68 -4.22 -2.91
C ARG A 192 -33.93 -3.31 -1.69
N GLN A 193 -32.94 -2.46 -1.34
CA GLN A 193 -33.03 -1.55 -0.21
C GLN A 193 -33.78 -0.25 -0.53
N ASP A 194 -34.26 -0.13 -1.80
CA ASP A 194 -35.03 1.00 -2.34
C ASP A 194 -34.28 2.35 -2.20
N ALA A 195 -32.99 2.33 -2.60
CA ALA A 195 -32.12 3.51 -2.58
C ALA A 195 -32.52 4.47 -3.72
N ARG A 196 -32.56 5.78 -3.43
CA ARG A 196 -32.95 6.78 -4.41
C ARG A 196 -31.81 7.74 -4.78
N ILE A 197 -31.13 8.31 -3.77
CA ILE A 197 -29.98 9.22 -3.97
C ILE A 197 -28.70 8.42 -3.77
N ILE A 198 -27.97 8.14 -4.89
CA ILE A 198 -26.78 7.28 -4.90
C ILE A 198 -25.49 7.97 -5.40
N VAL A 199 -24.44 7.92 -4.56
CA VAL A 199 -23.11 8.42 -4.91
C VAL A 199 -22.29 7.19 -5.32
N GLY A 200 -21.81 7.17 -6.56
CA GLY A 200 -21.02 6.08 -7.12
C GLY A 200 -19.61 6.52 -7.50
N LEU A 201 -18.57 5.89 -6.90
CA LEU A 201 -17.16 6.20 -7.14
C LEU A 201 -16.45 5.03 -7.79
N PHE A 202 -16.10 5.16 -9.07
CA PHE A 202 -15.39 4.11 -9.82
C PHE A 202 -14.72 4.73 -11.02
N TYR A 203 -13.80 3.97 -11.62
CA TYR A 203 -13.11 4.30 -12.86
C TYR A 203 -14.06 3.99 -14.05
N GLU A 204 -13.70 4.44 -15.26
CA GLU A 204 -14.50 4.34 -16.49
C GLU A 204 -14.91 2.93 -16.91
N THR A 205 -13.99 1.97 -16.90
CA THR A 205 -14.31 0.57 -17.23
C THR A 205 -15.45 0.04 -16.34
N GLU A 206 -15.34 0.28 -15.02
CA GLU A 206 -16.28 -0.14 -14.00
C GLU A 206 -17.60 0.64 -14.07
N ALA A 207 -17.55 1.90 -14.53
CA ALA A 207 -18.72 2.77 -14.66
C ALA A 207 -19.67 2.19 -15.71
N ARG A 208 -19.11 1.66 -16.82
CA ARG A 208 -19.88 1.05 -17.89
C ARG A 208 -20.59 -0.19 -17.40
N LYS A 209 -19.93 -0.95 -16.50
CA LYS A 209 -20.46 -2.16 -15.90
C LYS A 209 -21.53 -1.81 -14.91
N VAL A 210 -21.31 -0.75 -14.11
CA VAL A 210 -22.30 -0.27 -13.13
C VAL A 210 -23.59 0.13 -13.84
N PHE A 211 -23.48 0.94 -14.92
CA PHE A 211 -24.64 1.46 -15.64
C PHE A 211 -25.32 0.44 -16.56
N CYS A 212 -24.63 -0.66 -16.91
CA CYS A 212 -25.26 -1.73 -17.67
C CYS A 212 -26.20 -2.46 -16.68
N GLU A 213 -25.66 -2.78 -15.50
CA GLU A 213 -26.39 -3.41 -14.40
C GLU A 213 -27.52 -2.50 -13.93
N VAL A 214 -27.30 -1.16 -13.95
CA VAL A 214 -28.29 -0.14 -13.59
C VAL A 214 -29.47 -0.14 -14.59
N TYR A 215 -29.22 -0.47 -15.88
CA TYR A 215 -30.29 -0.57 -16.88
C TYR A 215 -31.16 -1.80 -16.61
N LYS A 216 -30.51 -2.97 -16.48
CA LYS A 216 -31.13 -4.27 -16.23
C LYS A 216 -32.03 -4.30 -14.99
N GLU A 217 -31.66 -3.55 -13.95
CA GLU A 217 -32.39 -3.45 -12.70
C GLU A 217 -33.33 -2.25 -12.70
N ARG A 218 -33.42 -1.51 -13.83
CA ARG A 218 -34.24 -0.30 -13.98
C ARG A 218 -33.99 0.63 -12.79
N LEU A 219 -32.69 0.80 -12.45
CA LEU A 219 -32.22 1.60 -11.32
C LEU A 219 -32.04 3.08 -11.67
N PHE A 220 -32.70 3.48 -12.73
CA PHE A 220 -32.69 4.84 -13.27
C PHE A 220 -34.15 5.24 -13.49
N GLY A 221 -34.36 6.53 -13.71
CA GLY A 221 -35.68 7.09 -13.94
C GLY A 221 -35.95 8.28 -13.04
N LYS A 222 -37.24 8.66 -12.94
CA LYS A 222 -37.71 9.77 -12.11
C LYS A 222 -37.33 9.59 -10.66
N LYS A 223 -37.42 8.35 -10.17
CA LYS A 223 -37.14 7.99 -8.78
C LYS A 223 -35.69 8.21 -8.36
N TYR A 224 -34.72 8.04 -9.28
CA TYR A 224 -33.30 8.03 -8.93
C TYR A 224 -32.40 9.12 -9.48
N VAL A 225 -31.44 9.51 -8.63
CA VAL A 225 -30.38 10.47 -8.94
C VAL A 225 -29.04 9.83 -8.61
N TRP A 226 -28.16 9.76 -9.60
CA TRP A 226 -26.80 9.26 -9.46
C TRP A 226 -25.82 10.42 -9.42
N PHE A 227 -24.84 10.33 -8.52
CA PHE A 227 -23.77 11.32 -8.34
C PHE A 227 -22.46 10.63 -8.64
N LEU A 228 -21.84 10.99 -9.78
CA LEU A 228 -20.57 10.42 -10.26
C LEU A 228 -19.44 11.45 -10.32
N ILE A 229 -18.18 10.99 -10.49
CA ILE A 229 -17.05 11.91 -10.67
C ILE A 229 -17.06 12.25 -12.15
N GLY A 230 -16.98 13.55 -12.45
CA GLY A 230 -16.99 14.05 -13.82
C GLY A 230 -15.63 14.03 -14.48
N TRP A 231 -14.95 12.87 -14.43
CA TRP A 231 -13.62 12.65 -14.99
C TRP A 231 -13.57 11.64 -16.11
N TYR A 232 -14.73 11.21 -16.60
CA TYR A 232 -14.77 10.21 -17.68
C TYR A 232 -14.55 10.87 -19.04
N ALA A 233 -14.28 10.04 -20.07
CA ALA A 233 -14.14 10.40 -21.47
C ALA A 233 -15.51 10.92 -21.95
N ASP A 234 -15.52 11.65 -23.09
CA ASP A 234 -16.68 12.37 -23.64
C ASP A 234 -17.98 11.56 -23.77
N ASN A 235 -17.97 10.40 -24.40
CA ASN A 235 -19.22 9.62 -24.47
C ASN A 235 -18.90 8.22 -23.98
N TRP A 236 -18.45 8.16 -22.71
CA TRP A 236 -18.00 6.97 -22.01
C TRP A 236 -19.01 5.83 -22.02
N PHE A 237 -20.30 6.16 -21.88
CA PHE A 237 -21.41 5.20 -21.83
C PHE A 237 -21.68 4.57 -23.20
N LYS A 238 -21.27 5.28 -24.27
CA LYS A 238 -21.40 4.88 -25.68
C LYS A 238 -20.20 4.06 -26.13
N ILE A 239 -19.09 4.08 -25.36
CA ILE A 239 -17.86 3.35 -25.71
C ILE A 239 -18.11 1.83 -25.69
N TYR A 240 -17.61 1.16 -26.74
CA TYR A 240 -17.74 -0.27 -26.91
C TYR A 240 -16.86 -1.01 -25.93
N ASP A 241 -17.48 -1.95 -25.23
CA ASP A 241 -16.86 -2.83 -24.26
C ASP A 241 -17.52 -4.20 -24.46
N PRO A 242 -16.77 -5.24 -24.93
CA PRO A 242 -17.40 -6.55 -25.12
C PRO A 242 -17.83 -7.28 -23.82
N SER A 243 -17.36 -6.80 -22.64
CA SER A 243 -17.67 -7.36 -21.32
C SER A 243 -19.09 -6.98 -20.83
N ILE A 244 -19.76 -6.06 -21.52
CA ILE A 244 -21.09 -5.61 -21.11
C ILE A 244 -22.15 -6.03 -22.15
N ASN A 245 -23.29 -6.57 -21.64
CA ASN A 245 -24.41 -7.05 -22.45
C ASN A 245 -25.21 -5.91 -23.09
N CYS A 246 -25.47 -4.83 -22.31
CA CYS A 246 -26.26 -3.66 -22.67
C CYS A 246 -25.80 -2.99 -23.94
N THR A 247 -26.75 -2.32 -24.63
CA THR A 247 -26.50 -1.60 -25.88
C THR A 247 -26.27 -0.11 -25.61
N VAL A 248 -25.76 0.61 -26.63
CA VAL A 248 -25.47 2.05 -26.61
C VAL A 248 -26.71 2.85 -26.20
N ASP A 249 -27.88 2.54 -26.81
CA ASP A 249 -29.17 3.20 -26.54
C ASP A 249 -29.69 2.87 -25.14
N GLU A 250 -29.40 1.63 -24.67
CA GLU A 250 -29.77 1.14 -23.35
C GLU A 250 -29.00 1.85 -22.24
N MET A 251 -27.71 2.14 -22.46
CA MET A 251 -26.96 2.83 -21.41
C MET A 251 -27.05 4.33 -21.50
N THR A 252 -27.46 4.89 -22.68
CA THR A 252 -27.71 6.33 -22.85
C THR A 252 -28.98 6.66 -22.03
N GLU A 253 -29.86 5.65 -21.90
CA GLU A 253 -31.11 5.66 -21.15
C GLU A 253 -30.82 5.61 -19.65
N ALA A 254 -29.96 4.68 -19.21
CA ALA A 254 -29.57 4.46 -17.82
C ALA A 254 -28.80 5.64 -17.19
N VAL A 255 -27.97 6.35 -17.99
CA VAL A 255 -27.16 7.48 -17.51
C VAL A 255 -27.93 8.83 -17.50
N GLU A 256 -29.05 8.91 -18.23
CA GLU A 256 -29.88 10.12 -18.31
C GLU A 256 -30.19 10.78 -16.96
N GLY A 257 -29.85 12.07 -16.86
CA GLY A 257 -30.11 12.92 -15.69
C GLY A 257 -29.12 12.92 -14.55
N HIS A 258 -28.11 12.00 -14.56
CA HIS A 258 -27.14 11.89 -13.47
C HIS A 258 -26.32 13.18 -13.30
N ILE A 259 -25.92 13.46 -12.05
CA ILE A 259 -25.09 14.61 -11.68
C ILE A 259 -23.60 14.18 -11.56
N THR A 260 -22.70 15.09 -11.97
CA THR A 260 -21.24 14.90 -11.82
C THR A 260 -20.62 16.12 -11.19
N THR A 261 -19.56 15.91 -10.43
CA THR A 261 -18.71 16.96 -9.86
C THR A 261 -17.31 16.75 -10.40
N GLU A 262 -16.63 17.84 -10.72
CA GLU A 262 -15.31 17.82 -11.30
C GLU A 262 -14.52 18.99 -10.72
N ILE A 263 -13.26 18.74 -10.33
CA ILE A 263 -12.39 19.81 -9.83
C ILE A 263 -12.05 20.78 -10.98
N VAL A 264 -12.26 22.08 -10.75
CA VAL A 264 -11.95 23.12 -11.73
C VAL A 264 -10.44 23.26 -11.79
N MET A 265 -9.85 23.02 -12.96
CA MET A 265 -8.40 23.08 -13.16
C MET A 265 -7.92 24.28 -13.99
N LEU A 266 -8.84 25.02 -14.58
CA LEU A 266 -8.55 26.17 -15.40
C LEU A 266 -9.65 27.17 -15.17
N ASN A 267 -9.29 28.40 -14.76
CA ASN A 267 -10.27 29.45 -14.47
C ASN A 267 -11.24 29.68 -15.65
N PRO A 268 -12.56 29.36 -15.49
CA PRO A 268 -13.51 29.54 -16.60
C PRO A 268 -13.62 31.01 -17.00
N ALA A 269 -13.33 31.93 -16.04
CA ALA A 269 -13.31 33.38 -16.21
C ALA A 269 -12.21 33.83 -17.16
N ASN A 270 -12.40 35.02 -17.75
CA ASN A 270 -11.48 35.62 -18.71
C ASN A 270 -10.52 36.64 -18.06
N THR A 271 -10.37 36.58 -16.72
CA THR A 271 -9.49 37.47 -15.96
C THR A 271 -7.99 37.17 -16.20
N ARG A 272 -7.12 38.08 -15.74
CA ARG A 272 -5.68 37.92 -15.84
C ARG A 272 -5.12 37.63 -14.46
N SER A 273 -4.30 36.58 -14.36
CA SER A 273 -3.72 36.17 -13.09
C SER A 273 -2.37 36.86 -12.87
N ILE A 274 -1.58 36.38 -11.89
CA ILE A 274 -0.28 36.96 -11.55
C ILE A 274 0.68 36.96 -12.76
N SER A 275 0.66 35.93 -13.61
CA SER A 275 1.52 35.94 -14.80
C SER A 275 1.10 37.00 -15.83
N ASN A 276 -0.13 37.52 -15.68
CA ASN A 276 -0.86 38.46 -16.54
C ASN A 276 -1.36 37.74 -17.78
N MET A 277 -1.44 36.41 -17.72
CA MET A 277 -1.99 35.63 -18.83
C MET A 277 -3.47 35.41 -18.51
N THR A 278 -4.24 35.05 -19.52
CA THR A 278 -5.63 34.67 -19.36
C THR A 278 -5.56 33.13 -19.38
N SER A 279 -6.63 32.44 -18.93
CA SER A 279 -6.69 30.99 -18.95
C SER A 279 -6.49 30.48 -20.37
N GLN A 280 -7.10 31.17 -21.34
CA GLN A 280 -7.09 30.89 -22.77
C GLN A 280 -5.70 31.11 -23.38
N GLU A 281 -4.97 32.17 -22.92
CA GLU A 281 -3.61 32.50 -23.37
C GLU A 281 -2.62 31.45 -22.93
N PHE A 282 -2.75 30.97 -21.66
CA PHE A 282 -1.91 29.91 -21.11
C PHE A 282 -1.98 28.68 -22.00
N VAL A 283 -3.21 28.26 -22.37
CA VAL A 283 -3.51 27.11 -23.22
C VAL A 283 -2.81 27.26 -24.58
N GLU A 284 -2.96 28.43 -25.23
CA GLU A 284 -2.33 28.74 -26.52
C GLU A 284 -0.81 28.71 -26.41
N LYS A 285 -0.26 29.36 -25.36
CA LYS A 285 1.18 29.38 -25.11
C LYS A 285 1.71 27.97 -24.89
N LEU A 286 0.98 27.17 -24.09
CA LEU A 286 1.33 25.79 -23.80
C LEU A 286 1.30 24.94 -25.06
N THR A 287 0.20 24.97 -25.85
CA THR A 287 0.02 24.21 -27.11
C THR A 287 1.25 24.36 -28.07
N LYS A 288 1.83 25.57 -28.17
CA LYS A 288 3.00 25.89 -29.01
C LYS A 288 4.26 25.06 -28.68
N ARG A 289 4.59 24.93 -27.38
CA ARG A 289 5.77 24.22 -26.86
C ARG A 289 5.75 22.72 -27.15
N LEU A 290 4.55 22.12 -27.12
CA LEU A 290 4.34 20.69 -27.27
C LEU A 290 4.61 20.15 -28.67
N LYS A 291 5.27 18.99 -28.70
CA LYS A 291 5.61 18.22 -29.89
C LYS A 291 4.33 17.65 -30.53
N ARG A 292 3.39 17.20 -29.66
CA ARG A 292 2.11 16.59 -30.03
C ARG A 292 0.91 17.43 -29.56
N HIS A 293 -0.27 17.10 -30.09
CA HIS A 293 -1.53 17.78 -29.84
C HIS A 293 -2.06 17.52 -28.45
N PRO A 294 -2.71 18.52 -27.79
CA PRO A 294 -3.23 18.34 -26.42
C PRO A 294 -3.93 17.02 -26.13
N GLU A 295 -4.72 16.49 -27.09
CA GLU A 295 -5.44 15.22 -26.96
C GLU A 295 -4.49 14.04 -26.74
N GLU A 296 -3.35 14.04 -27.47
CA GLU A 296 -2.31 13.01 -27.37
C GLU A 296 -1.48 13.12 -26.10
N THR A 297 -1.05 14.34 -25.74
CA THR A 297 -0.17 14.62 -24.60
C THR A 297 -0.92 14.58 -23.25
N GLY A 298 -0.41 13.72 -22.38
CA GLY A 298 -0.93 13.48 -21.04
C GLY A 298 -0.68 14.61 -20.06
N GLY A 299 -1.57 14.72 -19.08
CA GLY A 299 -1.53 15.74 -18.04
C GLY A 299 -1.80 17.15 -18.52
N PHE A 300 -2.43 17.30 -19.70
CA PHE A 300 -2.74 18.57 -20.33
C PHE A 300 -3.73 19.39 -19.51
N GLN A 301 -4.74 18.71 -18.94
CA GLN A 301 -5.77 19.34 -18.13
C GLN A 301 -5.25 19.75 -16.75
N GLU A 302 -4.22 19.04 -16.24
CA GLU A 302 -3.57 19.30 -14.96
C GLU A 302 -2.41 20.28 -15.10
N ALA A 303 -1.95 20.54 -16.35
CA ALA A 303 -0.85 21.48 -16.61
C ALA A 303 -0.99 22.85 -15.92
N PRO A 304 -2.20 23.49 -15.81
CA PRO A 304 -2.27 24.75 -15.03
C PRO A 304 -1.87 24.64 -13.56
N LEU A 305 -2.01 23.44 -12.94
CA LEU A 305 -1.64 23.19 -11.52
C LEU A 305 -0.12 23.18 -11.36
N ALA A 306 0.61 22.67 -12.37
CA ALA A 306 2.07 22.60 -12.37
C ALA A 306 2.64 24.02 -12.54
N TYR A 307 2.02 24.81 -13.44
CA TYR A 307 2.36 26.20 -13.70
C TYR A 307 2.18 26.98 -12.41
N ASP A 308 1.04 26.78 -11.71
CA ASP A 308 0.71 27.47 -10.46
C ASP A 308 1.51 27.01 -9.27
N ALA A 309 2.06 25.77 -9.31
CA ALA A 309 2.91 25.24 -8.26
C ALA A 309 4.20 26.03 -8.21
N ILE A 310 4.77 26.31 -9.41
CA ILE A 310 6.01 27.10 -9.57
C ILE A 310 5.83 28.51 -9.00
N TRP A 311 4.67 29.15 -9.24
CA TRP A 311 4.36 30.49 -8.72
C TRP A 311 4.18 30.48 -7.21
N ALA A 312 3.53 29.43 -6.67
CA ALA A 312 3.32 29.25 -5.24
C ALA A 312 4.67 29.19 -4.54
N LEU A 313 5.62 28.41 -5.11
CA LEU A 313 6.96 28.33 -4.54
C LEU A 313 7.71 29.67 -4.69
N ALA A 314 7.71 30.26 -5.90
CA ALA A 314 8.37 31.53 -6.16
C ALA A 314 7.92 32.61 -5.18
N LEU A 315 6.60 32.76 -5.00
CA LEU A 315 6.03 33.72 -4.06
C LEU A 315 6.36 33.40 -2.61
N ALA A 316 6.45 32.10 -2.24
CA ALA A 316 6.80 31.69 -0.87
C ALA A 316 8.26 32.06 -0.59
N LEU A 317 9.16 31.74 -1.55
CA LEU A 317 10.57 32.10 -1.49
C LEU A 317 10.74 33.61 -1.48
N ASN A 318 9.84 34.35 -2.16
CA ASN A 318 9.83 35.81 -2.20
C ASN A 318 9.55 36.38 -0.80
N LYS A 319 8.61 35.75 -0.05
CA LYS A 319 8.21 36.18 1.30
C LYS A 319 9.35 35.97 2.31
N THR A 320 10.12 34.89 2.14
CA THR A 320 11.23 34.56 3.03
C THR A 320 12.51 35.32 2.64
N SER A 321 12.83 35.35 1.32
CA SER A 321 13.98 35.98 0.67
C SER A 321 15.32 35.56 1.27
N ARG A 330 18.29 34.40 2.30
CA ARG A 330 19.38 33.54 2.76
C ARG A 330 19.23 32.11 2.18
N LEU A 331 18.66 32.01 0.97
CA LEU A 331 18.33 30.75 0.31
C LEU A 331 19.54 29.86 -0.06
N GLU A 332 20.71 30.48 -0.38
CA GLU A 332 21.97 29.82 -0.73
C GLU A 332 22.55 28.95 0.40
N ASP A 333 22.21 29.29 1.66
CA ASP A 333 22.70 28.59 2.85
C ASP A 333 21.82 27.43 3.33
N PHE A 334 20.88 26.96 2.47
CA PHE A 334 20.03 25.83 2.80
C PHE A 334 20.83 24.54 2.86
N ASN A 335 20.62 23.77 3.95
CA ASN A 335 21.26 22.48 4.20
C ASN A 335 20.20 21.47 4.64
N TYR A 336 20.37 20.21 4.22
CA TYR A 336 19.46 19.10 4.56
C TYR A 336 19.36 18.81 6.06
N ASN A 337 20.41 19.17 6.83
CA ASN A 337 20.45 18.97 8.29
C ASN A 337 19.85 20.11 9.09
N ASN A 338 19.29 21.15 8.43
CA ASN A 338 18.73 22.30 9.13
C ASN A 338 17.25 22.62 8.79
N GLN A 339 16.45 22.67 9.86
CA GLN A 339 15.02 22.98 9.92
C GLN A 339 14.70 24.47 9.73
N THR A 340 15.63 25.38 10.09
CA THR A 340 15.43 26.83 10.10
C THR A 340 14.77 27.36 8.83
N ILE A 341 15.46 27.31 7.67
CA ILE A 341 14.91 27.80 6.39
C ILE A 341 13.61 27.08 6.00
N THR A 342 13.54 25.73 6.20
CA THR A 342 12.37 24.89 5.89
C THR A 342 11.13 25.42 6.58
N ASP A 343 11.21 25.67 7.90
CA ASP A 343 10.13 26.17 8.73
C ASP A 343 9.63 27.51 8.25
N GLN A 344 10.54 28.33 7.70
CA GLN A 344 10.20 29.63 7.13
C GLN A 344 9.46 29.52 5.81
N ILE A 345 9.90 28.59 4.92
CA ILE A 345 9.21 28.38 3.65
C ILE A 345 7.86 27.68 3.90
N TYR A 346 7.79 26.79 4.91
CA TYR A 346 6.54 26.13 5.28
C TYR A 346 5.52 27.20 5.66
N ARG A 347 5.93 28.16 6.53
CA ARG A 347 5.07 29.25 6.98
C ARG A 347 4.60 30.11 5.79
N ALA A 348 5.52 30.47 4.87
CA ALA A 348 5.20 31.24 3.67
C ALA A 348 4.29 30.45 2.70
N MET A 349 4.48 29.11 2.57
CA MET A 349 3.66 28.26 1.71
C MET A 349 2.26 28.14 2.29
N ASN A 350 2.18 27.96 3.63
CA ASN A 350 0.92 27.85 4.37
C ASN A 350 0.08 29.12 4.27
N SER A 351 0.74 30.28 4.08
CA SER A 351 0.08 31.59 3.98
C SER A 351 -0.22 32.03 2.54
N SER A 352 0.06 31.16 1.55
CA SER A 352 -0.18 31.40 0.12
C SER A 352 -1.62 31.86 -0.13
N SER A 353 -1.77 32.89 -0.97
CA SER A 353 -3.03 33.47 -1.43
C SER A 353 -2.75 34.35 -2.64
N PHE A 354 -2.99 33.82 -3.84
CA PHE A 354 -2.77 34.50 -5.12
C PHE A 354 -3.64 33.89 -6.20
N GLU A 355 -3.81 34.62 -7.31
CA GLU A 355 -4.56 34.17 -8.48
C GLU A 355 -3.60 33.51 -9.48
N GLY A 356 -3.90 32.27 -9.83
CA GLY A 356 -3.13 31.51 -10.81
C GLY A 356 -3.95 31.19 -12.05
N VAL A 357 -3.34 30.52 -13.02
CA VAL A 357 -4.03 30.14 -14.24
C VAL A 357 -5.19 29.13 -13.97
N SER A 358 -5.11 28.34 -12.86
CA SER A 358 -6.13 27.36 -12.44
C SER A 358 -7.21 28.00 -11.53
N GLY A 359 -7.00 29.25 -11.14
CA GLY A 359 -7.89 30.01 -10.27
C GLY A 359 -7.16 30.50 -9.04
N HIS A 360 -7.90 30.81 -7.97
CA HIS A 360 -7.32 31.29 -6.71
C HIS A 360 -6.67 30.13 -5.99
N VAL A 361 -5.41 30.33 -5.59
CA VAL A 361 -4.59 29.32 -4.94
C VAL A 361 -4.47 29.63 -3.46
N VAL A 362 -4.91 28.68 -2.63
CA VAL A 362 -4.85 28.66 -1.18
C VAL A 362 -4.73 27.21 -0.74
N PHE A 363 -4.08 26.97 0.40
CA PHE A 363 -3.95 25.62 0.96
C PHE A 363 -4.66 25.53 2.31
N ASP A 364 -5.28 24.39 2.59
CA ASP A 364 -5.93 24.14 3.88
C ASP A 364 -4.83 23.76 4.90
N ALA A 365 -5.22 23.43 6.15
CA ALA A 365 -4.25 23.07 7.19
C ALA A 365 -3.39 21.84 6.82
N SER A 366 -3.97 20.91 6.04
CA SER A 366 -3.33 19.68 5.55
C SER A 366 -2.32 19.91 4.39
N GLY A 367 -2.36 21.09 3.78
CA GLY A 367 -1.48 21.47 2.68
C GLY A 367 -2.11 21.19 1.34
N SER A 368 -3.39 20.86 1.36
CA SER A 368 -4.18 20.51 0.20
C SER A 368 -4.86 21.75 -0.39
N ARG A 369 -4.81 21.86 -1.73
CA ARG A 369 -5.36 22.96 -2.51
C ARG A 369 -6.88 23.09 -2.41
N MET A 370 -7.38 24.31 -2.23
CA MET A 370 -8.81 24.60 -2.22
C MET A 370 -9.19 25.21 -3.56
N ALA A 371 -10.23 24.67 -4.19
CA ALA A 371 -10.63 25.13 -5.51
C ALA A 371 -12.14 25.04 -5.74
N TRP A 372 -12.60 25.62 -6.87
CA TRP A 372 -13.98 25.52 -7.32
C TRP A 372 -14.20 24.10 -7.87
N THR A 373 -15.46 23.68 -7.91
CA THR A 373 -15.89 22.42 -8.51
C THR A 373 -16.92 22.78 -9.59
N LEU A 374 -16.92 22.05 -10.70
CA LEU A 374 -17.87 22.22 -11.77
C LEU A 374 -18.94 21.14 -11.63
N ILE A 375 -20.19 21.58 -11.48
CA ILE A 375 -21.36 20.71 -11.36
C ILE A 375 -22.06 20.63 -12.72
N GLU A 376 -22.29 19.41 -13.20
CA GLU A 376 -22.92 19.17 -14.50
C GLU A 376 -23.98 18.09 -14.36
N GLN A 377 -24.88 18.05 -15.35
CA GLN A 377 -25.94 17.05 -15.44
C GLN A 377 -25.96 16.52 -16.86
N LEU A 378 -26.20 15.22 -17.01
CA LEU A 378 -26.33 14.64 -18.32
C LEU A 378 -27.78 14.80 -18.82
N GLN A 379 -27.96 15.68 -19.80
CA GLN A 379 -29.25 15.97 -20.42
C GLN A 379 -29.19 15.59 -21.90
N GLY A 380 -29.90 14.52 -22.25
CA GLY A 380 -29.95 14.00 -23.62
C GLY A 380 -28.63 13.54 -24.20
N GLY A 381 -27.91 12.75 -23.41
CA GLY A 381 -26.63 12.16 -23.81
C GLY A 381 -25.49 13.15 -23.94
N SER A 382 -25.63 14.31 -23.29
CA SER A 382 -24.62 15.36 -23.29
C SER A 382 -24.61 16.05 -21.95
N TYR A 383 -23.41 16.37 -21.44
CA TYR A 383 -23.27 17.06 -20.16
C TYR A 383 -23.59 18.51 -20.35
N LYS A 384 -24.36 19.08 -19.42
CA LYS A 384 -24.74 20.49 -19.41
C LYS A 384 -24.32 21.10 -18.08
N LYS A 385 -23.59 22.21 -18.14
CA LYS A 385 -23.10 22.94 -16.96
C LYS A 385 -24.28 23.52 -16.17
N ILE A 386 -24.49 23.01 -14.95
CA ILE A 386 -25.59 23.43 -14.09
C ILE A 386 -25.10 24.32 -12.92
N GLY A 387 -23.78 24.54 -12.83
CA GLY A 387 -23.20 25.39 -11.79
C GLY A 387 -21.79 25.09 -11.31
N TYR A 388 -21.31 25.88 -10.33
CA TYR A 388 -20.01 25.80 -9.68
C TYR A 388 -20.16 26.00 -8.18
N TYR A 389 -19.33 25.33 -7.36
CA TYR A 389 -19.35 25.52 -5.90
C TYR A 389 -17.96 25.79 -5.30
N ASP A 390 -17.88 26.82 -4.41
CA ASP A 390 -16.70 27.26 -3.67
C ASP A 390 -16.85 26.89 -2.18
N SER A 391 -16.24 25.76 -1.79
CA SER A 391 -16.21 25.17 -0.45
C SER A 391 -15.81 26.17 0.66
N THR A 392 -14.77 27.00 0.42
CA THR A 392 -14.23 27.96 1.41
C THR A 392 -15.18 29.14 1.71
N LYS A 393 -15.71 29.83 0.67
CA LYS A 393 -16.61 30.97 0.83
C LYS A 393 -18.10 30.56 0.91
N ASP A 394 -18.40 29.24 0.75
CA ASP A 394 -19.75 28.65 0.75
C ASP A 394 -20.67 29.34 -0.28
N ASP A 395 -20.17 29.57 -1.51
CA ASP A 395 -21.04 30.21 -2.51
C ASP A 395 -21.22 29.35 -3.77
N LEU A 396 -22.51 29.10 -4.08
CA LEU A 396 -22.94 28.31 -5.21
C LEU A 396 -23.49 29.20 -6.33
N SER A 397 -22.89 29.09 -7.52
CA SER A 397 -23.35 29.80 -8.72
C SER A 397 -24.33 28.86 -9.37
N TRP A 398 -25.60 29.26 -9.45
CA TRP A 398 -26.60 28.40 -10.08
C TRP A 398 -26.96 28.89 -11.46
N SER A 399 -26.83 28.00 -12.44
CA SER A 399 -27.12 28.30 -13.85
C SER A 399 -28.61 28.34 -14.21
N LYS A 400 -29.43 27.52 -13.50
CA LYS A 400 -30.86 27.30 -13.72
C LYS A 400 -31.01 26.48 -15.01
N THR A 401 -30.04 25.57 -15.27
CA THR A 401 -29.95 24.71 -16.44
C THR A 401 -30.39 23.28 -16.13
N ASP A 402 -30.60 22.95 -14.84
CA ASP A 402 -31.02 21.62 -14.43
C ASP A 402 -32.43 21.24 -14.95
N LYS A 403 -32.63 19.94 -15.18
CA LYS A 403 -33.88 19.39 -15.68
C LYS A 403 -34.19 18.12 -14.92
N TRP A 404 -35.47 17.84 -14.72
CA TRP A 404 -35.93 16.63 -14.04
C TRP A 404 -37.20 16.12 -14.73
N ILE A 405 -37.46 14.80 -14.64
CA ILE A 405 -38.61 14.21 -15.31
C ILE A 405 -39.95 14.73 -14.73
N GLY A 406 -40.07 14.74 -13.40
CA GLY A 406 -41.27 15.25 -12.73
C GLY A 406 -41.31 16.76 -12.54
N GLY A 407 -40.54 17.48 -13.34
CA GLY A 407 -40.45 18.95 -13.31
C GLY A 407 -39.65 19.51 -12.15
N SER A 408 -39.34 18.66 -11.16
CA SER A 408 -38.60 19.00 -9.95
C SER A 408 -37.82 17.76 -9.47
N PRO A 409 -36.70 17.93 -8.72
CA PRO A 409 -35.95 16.75 -8.23
C PRO A 409 -36.84 15.77 -7.48
N PRO A 410 -36.54 14.45 -7.51
CA PRO A 410 -37.37 13.49 -6.75
C PRO A 410 -37.03 13.59 -5.27
N ALA A 411 -37.24 12.49 -4.54
CA ALA A 411 -36.90 12.43 -3.13
C ALA A 411 -36.32 11.08 -2.77
N ASP A 412 -35.53 11.07 -1.70
CA ASP A 412 -34.86 9.92 -1.09
C ASP A 412 -35.84 8.86 -0.58
N ASP A 413 -36.96 9.34 -0.03
CA ASP A 413 -38.02 8.59 0.62
C ASP A 413 -38.97 7.90 -0.33
N TYR A 414 -39.65 6.89 0.21
CA TYR A 414 -40.73 6.12 -0.38
C TYR A 414 -41.99 7.02 -0.44
N LYS A 415 -41.95 8.14 0.28
CA LYS A 415 -43.06 9.08 0.53
C LYS A 415 -43.76 9.71 -0.69
N ASP A 416 -43.04 10.21 -1.72
CA ASP A 416 -43.77 10.90 -2.78
C ASP A 416 -44.03 10.07 -4.06
N ASP A 417 -44.06 8.73 -3.93
CA ASP A 417 -44.38 7.85 -5.05
C ASP A 417 -45.58 6.95 -4.70
N SER B 12 43.24 -10.68 0.42
CA SER B 12 41.89 -11.12 0.75
C SER B 12 40.86 -10.01 0.39
N PRO B 13 40.33 -10.00 -0.85
CA PRO B 13 39.35 -8.96 -1.23
C PRO B 13 37.97 -9.14 -0.58
N PRO B 14 37.23 -8.06 -0.27
CA PRO B 14 35.91 -8.24 0.35
C PRO B 14 34.77 -8.43 -0.65
N LEU B 15 33.77 -9.22 -0.26
CA LEU B 15 32.52 -9.41 -0.99
C LEU B 15 31.53 -8.73 -0.04
N SER B 16 31.27 -7.44 -0.28
CA SER B 16 30.44 -6.64 0.62
C SER B 16 28.95 -6.89 0.48
N ILE B 17 28.28 -6.98 1.63
CA ILE B 17 26.84 -7.24 1.76
C ILE B 17 26.25 -6.18 2.67
N MET B 18 25.15 -5.59 2.22
CA MET B 18 24.44 -4.54 2.95
C MET B 18 23.41 -5.17 3.92
N GLY B 19 23.76 -5.15 5.20
CA GLY B 19 22.92 -5.64 6.29
C GLY B 19 21.94 -4.57 6.75
N LEU B 20 20.66 -4.75 6.42
CA LEU B 20 19.62 -3.78 6.74
C LEU B 20 18.65 -4.35 7.75
N MET B 21 18.69 -3.83 8.98
CA MET B 21 17.82 -4.33 10.05
C MET B 21 17.72 -3.39 11.23
N PRO B 22 16.59 -3.42 11.99
CA PRO B 22 16.52 -2.62 13.22
C PRO B 22 17.45 -3.24 14.25
N LEU B 23 18.38 -2.43 14.76
CA LEU B 23 19.40 -2.85 15.71
C LEU B 23 19.34 -2.10 17.04
N THR B 24 18.59 -1.00 17.07
CA THR B 24 18.50 -0.19 18.27
C THR B 24 17.59 -0.81 19.31
N LYS B 25 18.05 -0.73 20.57
CA LYS B 25 17.35 -1.23 21.76
C LYS B 25 16.07 -0.43 21.97
N GLU B 26 16.10 0.86 21.61
CA GLU B 26 14.98 1.79 21.67
C GLU B 26 13.80 1.27 20.81
N VAL B 27 14.09 0.77 19.58
CA VAL B 27 13.09 0.23 18.66
C VAL B 27 12.69 -1.19 19.07
N ALA B 28 11.36 -1.40 19.22
CA ALA B 28 10.67 -2.64 19.59
C ALA B 28 11.12 -3.86 18.76
N LYS B 29 11.26 -3.69 17.43
CA LYS B 29 11.68 -4.78 16.53
C LYS B 29 13.22 -4.93 16.41
N GLY B 30 13.95 -4.15 17.20
CA GLY B 30 15.42 -4.22 17.30
C GLY B 30 15.87 -5.53 17.91
N SER B 31 14.94 -6.20 18.62
CA SER B 31 15.10 -7.51 19.27
C SER B 31 15.30 -8.62 18.24
N ILE B 32 14.64 -8.51 17.07
CA ILE B 32 14.79 -9.46 15.96
C ILE B 32 16.20 -9.31 15.39
N GLY B 33 16.60 -8.07 15.08
CA GLY B 33 17.91 -7.74 14.55
C GLY B 33 19.06 -8.17 15.43
N ARG B 34 19.01 -7.83 16.73
CA ARG B 34 20.03 -8.21 17.70
C ARG B 34 20.01 -9.69 18.06
N GLY B 35 18.81 -10.27 18.19
CA GLY B 35 18.60 -11.67 18.51
C GLY B 35 19.14 -12.65 17.48
N VAL B 36 19.27 -12.21 16.20
CA VAL B 36 19.77 -13.04 15.11
C VAL B 36 21.28 -12.86 14.87
N LEU B 37 21.86 -11.74 15.34
CA LEU B 37 23.28 -11.41 15.15
C LEU B 37 24.26 -12.49 15.65
N PRO B 38 24.03 -13.16 16.83
CA PRO B 38 24.92 -14.27 17.20
C PRO B 38 24.89 -15.40 16.16
N ALA B 39 23.69 -15.71 15.59
CA ALA B 39 23.54 -16.72 14.55
C ALA B 39 24.29 -16.30 13.27
N VAL B 40 24.18 -15.00 12.89
CA VAL B 40 24.86 -14.41 11.73
C VAL B 40 26.39 -14.57 11.90
N GLU B 41 26.91 -14.19 13.12
CA GLU B 41 28.31 -14.25 13.53
C GLU B 41 28.86 -15.66 13.41
N LEU B 42 28.07 -16.66 13.84
CA LEU B 42 28.41 -18.07 13.76
C LEU B 42 28.60 -18.55 12.34
N ALA B 43 27.67 -18.17 11.42
CA ALA B 43 27.72 -18.59 10.03
C ALA B 43 28.90 -17.94 9.34
N ILE B 44 29.10 -16.61 9.53
CA ILE B 44 30.22 -15.83 9.00
C ILE B 44 31.58 -16.42 9.44
N GLU B 45 31.77 -16.64 10.75
CA GLU B 45 32.97 -17.23 11.36
C GLU B 45 33.37 -18.56 10.70
N GLN B 46 32.40 -19.49 10.54
CA GLN B 46 32.65 -20.79 9.93
C GLN B 46 33.01 -20.67 8.46
N ILE B 47 32.29 -19.84 7.69
CA ILE B 47 32.53 -19.63 6.25
C ILE B 47 33.94 -19.06 6.00
N ARG B 48 34.41 -18.18 6.91
CA ARG B 48 35.74 -17.55 6.85
C ARG B 48 36.83 -18.58 7.18
N ASN B 49 36.62 -19.41 8.25
CA ASN B 49 37.51 -20.48 8.71
C ASN B 49 37.75 -21.52 7.60
N GLU B 50 36.66 -22.01 6.98
CA GLU B 50 36.69 -23.02 5.93
C GLU B 50 37.22 -22.49 4.61
N SER B 51 37.34 -21.15 4.49
CA SER B 51 37.82 -20.41 3.32
C SER B 51 37.01 -20.80 2.09
N LEU B 52 35.70 -20.92 2.30
CA LEU B 52 34.71 -21.31 1.30
C LEU B 52 34.71 -20.31 0.15
N LEU B 53 34.84 -19.01 0.48
CA LEU B 53 34.83 -17.93 -0.49
C LEU B 53 36.21 -17.56 -1.00
N ARG B 54 37.24 -18.36 -0.62
CA ARG B 54 38.62 -18.17 -1.06
C ARG B 54 38.66 -17.91 -2.58
N PRO B 55 39.39 -16.88 -3.04
CA PRO B 55 40.30 -15.98 -2.30
C PRO B 55 39.65 -14.92 -1.42
N TYR B 56 38.39 -14.59 -1.71
CA TYR B 56 37.62 -13.55 -1.05
C TYR B 56 37.17 -13.89 0.35
N PHE B 57 36.49 -12.95 0.97
CA PHE B 57 35.89 -13.10 2.29
C PHE B 57 34.63 -12.24 2.36
N LEU B 58 33.59 -12.78 2.99
CA LEU B 58 32.30 -12.16 3.15
C LEU B 58 32.38 -10.95 4.07
N ASP B 59 32.11 -9.76 3.52
CA ASP B 59 32.14 -8.52 4.27
C ASP B 59 30.72 -8.00 4.53
N LEU B 60 30.15 -8.36 5.69
CA LEU B 60 28.81 -7.91 6.05
C LEU B 60 28.86 -6.58 6.81
N ARG B 61 28.27 -5.54 6.21
CA ARG B 61 28.21 -4.21 6.82
C ARG B 61 26.82 -4.00 7.38
N LEU B 62 26.70 -3.59 8.64
CA LEU B 62 25.39 -3.41 9.25
C LEU B 62 24.96 -1.96 9.31
N TYR B 63 23.72 -1.69 8.91
CA TYR B 63 23.08 -0.38 8.95
C TYR B 63 21.70 -0.54 9.61
N ASP B 64 21.48 0.23 10.69
CA ASP B 64 20.25 0.25 11.48
C ASP B 64 19.14 0.98 10.72
N THR B 65 18.02 0.28 10.40
CA THR B 65 16.86 0.84 9.67
C THR B 65 15.83 1.48 10.61
N GLU B 66 15.92 1.16 11.91
CA GLU B 66 15.06 1.67 12.99
C GLU B 66 13.57 1.38 12.82
N CYS B 67 13.19 0.54 11.85
CA CYS B 67 11.80 0.13 11.59
C CYS B 67 10.94 1.35 11.23
N ASP B 68 11.53 2.30 10.51
CA ASP B 68 10.85 3.53 10.07
C ASP B 68 11.07 3.71 8.57
N ASN B 69 10.01 4.15 7.86
CA ASN B 69 10.05 4.36 6.40
C ASN B 69 11.10 5.41 5.96
N ALA B 70 11.12 6.58 6.62
CA ALA B 70 12.05 7.67 6.34
C ALA B 70 13.47 7.39 6.76
N LYS B 71 13.66 6.91 8.01
CA LYS B 71 14.95 6.53 8.61
C LYS B 71 15.57 5.33 7.87
N GLY B 72 14.73 4.33 7.57
CA GLY B 72 15.11 3.12 6.85
C GLY B 72 15.55 3.40 5.44
N LEU B 73 14.86 4.36 4.76
CA LEU B 73 15.24 4.78 3.40
C LEU B 73 16.56 5.54 3.46
N LYS B 74 16.69 6.46 4.41
CA LYS B 74 17.96 7.19 4.58
C LYS B 74 19.13 6.24 4.91
N ALA B 75 18.88 5.17 5.70
CA ALA B 75 19.91 4.19 6.08
C ALA B 75 20.40 3.46 4.85
N PHE B 76 19.47 3.07 3.95
CA PHE B 76 19.75 2.42 2.69
C PHE B 76 20.53 3.37 1.74
N TYR B 77 20.03 4.62 1.59
CA TYR B 77 20.64 5.67 0.78
C TYR B 77 22.08 5.94 1.24
N ASP B 78 22.28 6.11 2.55
CA ASP B 78 23.59 6.34 3.18
C ASP B 78 24.55 5.18 2.99
N ALA B 79 24.04 3.95 2.95
CA ALA B 79 24.84 2.75 2.72
C ALA B 79 25.36 2.74 1.27
N ILE B 80 24.52 3.14 0.30
CA ILE B 80 24.97 3.20 -1.10
C ILE B 80 25.99 4.35 -1.32
N LYS B 81 25.76 5.50 -0.67
CA LYS B 81 26.61 6.68 -0.83
C LYS B 81 27.96 6.55 -0.15
N TYR B 82 27.98 6.23 1.15
CA TYR B 82 29.19 6.20 1.96
C TYR B 82 29.78 4.83 2.22
N GLY B 83 28.97 3.79 2.03
CA GLY B 83 29.38 2.43 2.28
C GLY B 83 30.19 1.86 1.13
N PRO B 84 30.73 0.62 1.29
CA PRO B 84 31.49 0.03 0.18
C PRO B 84 30.55 -0.43 -0.95
N ASN B 85 31.11 -0.99 -2.02
CA ASN B 85 30.24 -1.50 -3.05
C ASN B 85 29.64 -2.86 -2.64
N HIS B 86 28.39 -2.83 -2.19
CA HIS B 86 27.65 -4.00 -1.77
C HIS B 86 27.20 -4.80 -2.99
N LEU B 87 27.31 -6.14 -2.93
CA LEU B 87 26.90 -7.06 -3.99
C LEU B 87 25.43 -7.46 -3.84
N MET B 88 24.95 -7.49 -2.59
CA MET B 88 23.55 -7.80 -2.29
C MET B 88 23.14 -7.29 -0.91
N VAL B 89 21.83 -7.30 -0.64
CA VAL B 89 21.19 -6.85 0.60
C VAL B 89 20.85 -8.07 1.45
N PHE B 90 21.06 -7.94 2.75
CA PHE B 90 20.75 -8.98 3.70
C PHE B 90 19.92 -8.35 4.80
N GLY B 91 18.69 -8.80 4.93
CA GLY B 91 17.80 -8.26 5.95
C GLY B 91 16.51 -7.71 5.39
N GLY B 92 15.91 -6.81 6.15
CA GLY B 92 14.59 -6.28 5.85
C GLY B 92 13.63 -7.07 6.70
N VAL B 93 13.21 -6.48 7.85
CA VAL B 93 12.36 -7.11 8.85
C VAL B 93 10.96 -6.50 8.81
N CYS B 94 10.86 -5.16 9.01
CA CYS B 94 9.59 -4.44 9.05
C CYS B 94 8.92 -4.35 7.68
N PRO B 95 7.61 -4.69 7.61
CA PRO B 95 6.94 -4.78 6.30
C PRO B 95 6.92 -3.51 5.42
N SER B 96 6.62 -2.32 5.97
CA SER B 96 6.54 -1.15 5.11
C SER B 96 7.92 -0.67 4.58
N VAL B 97 8.99 -0.76 5.40
CA VAL B 97 10.38 -0.39 5.05
C VAL B 97 10.92 -1.39 4.02
N THR B 98 10.73 -2.68 4.29
CA THR B 98 11.18 -3.74 3.40
C THR B 98 10.58 -3.59 2.02
N SER B 99 9.25 -3.28 1.93
CA SER B 99 8.53 -3.05 0.66
C SER B 99 9.11 -1.86 -0.10
N ILE B 100 9.45 -0.80 0.61
CA ILE B 100 10.08 0.38 -0.01
C ILE B 100 11.42 0.01 -0.64
N ILE B 101 12.29 -0.69 0.10
CA ILE B 101 13.61 -1.10 -0.39
C ILE B 101 13.49 -2.13 -1.49
N ALA B 102 12.73 -3.20 -1.23
CA ALA B 102 12.50 -4.34 -2.13
C ALA B 102 11.94 -3.89 -3.51
N GLU B 103 11.06 -2.88 -3.53
CA GLU B 103 10.52 -2.34 -4.79
C GLU B 103 11.57 -1.64 -5.69
N SER B 104 12.52 -0.95 -5.06
CA SER B 104 13.58 -0.17 -5.72
C SER B 104 14.86 -0.90 -6.12
N LEU B 105 15.01 -2.16 -5.68
CA LEU B 105 16.21 -2.99 -5.80
C LEU B 105 16.89 -3.02 -7.17
N GLN B 106 16.10 -3.16 -8.24
CA GLN B 106 16.58 -3.22 -9.62
C GLN B 106 17.37 -1.96 -10.06
N GLY B 107 17.03 -0.81 -9.49
CA GLY B 107 17.69 0.47 -9.74
C GLY B 107 19.15 0.48 -9.36
N TRP B 108 19.56 -0.46 -8.51
CA TRP B 108 20.93 -0.62 -8.07
C TRP B 108 21.42 -2.04 -8.32
N ASN B 109 20.68 -2.81 -9.15
CA ASN B 109 20.96 -4.20 -9.52
C ASN B 109 21.34 -5.08 -8.31
N LEU B 110 20.64 -4.83 -7.18
CA LEU B 110 20.87 -5.50 -5.89
C LEU B 110 19.82 -6.57 -5.57
N VAL B 111 20.28 -7.82 -5.42
CA VAL B 111 19.45 -8.95 -5.00
C VAL B 111 19.33 -8.82 -3.47
N GLN B 112 18.11 -8.98 -2.92
CA GLN B 112 17.92 -8.95 -1.47
C GLN B 112 17.49 -10.29 -0.91
N LEU B 113 18.08 -10.67 0.24
CA LEU B 113 17.66 -11.86 0.98
C LEU B 113 17.25 -11.47 2.41
N SER B 114 15.98 -11.62 2.72
CA SER B 114 15.42 -11.34 4.03
C SER B 114 15.32 -12.67 4.82
N PHE B 115 15.30 -12.58 6.17
CA PHE B 115 15.21 -13.74 7.05
C PHE B 115 14.07 -13.60 8.02
N ALA B 116 13.34 -12.44 8.00
CA ALA B 116 12.26 -12.14 8.94
C ALA B 116 11.01 -11.41 8.34
N ALA B 117 11.05 -10.90 7.08
CA ALA B 117 9.86 -10.23 6.53
C ALA B 117 8.90 -11.30 6.00
N THR B 118 7.75 -11.45 6.66
CA THR B 118 6.78 -12.51 6.36
C THR B 118 5.54 -12.05 5.57
N THR B 119 5.42 -10.74 5.29
CA THR B 119 4.28 -10.16 4.58
C THR B 119 4.13 -10.75 3.17
N PRO B 120 2.94 -11.33 2.86
CA PRO B 120 2.70 -11.99 1.57
C PRO B 120 2.89 -11.13 0.32
N VAL B 121 2.61 -9.81 0.45
CA VAL B 121 2.74 -8.76 -0.57
C VAL B 121 4.05 -8.93 -1.36
N LEU B 122 5.15 -9.26 -0.66
CA LEU B 122 6.50 -9.43 -1.22
C LEU B 122 6.63 -10.59 -2.21
N ALA B 123 5.62 -11.48 -2.30
CA ALA B 123 5.64 -12.60 -3.26
C ALA B 123 5.36 -12.14 -4.69
N ASP B 124 4.92 -10.89 -4.85
CA ASP B 124 4.64 -10.29 -6.15
C ASP B 124 5.96 -9.97 -6.85
N LYS B 125 6.35 -10.83 -7.79
CA LYS B 125 7.61 -10.67 -8.52
C LYS B 125 7.52 -9.63 -9.66
N LYS B 126 6.34 -9.05 -9.91
CA LYS B 126 6.18 -7.95 -10.87
C LYS B 126 6.66 -6.67 -10.17
N LYS B 127 6.32 -6.55 -8.88
CA LYS B 127 6.68 -5.45 -7.98
C LYS B 127 8.06 -5.66 -7.34
N TYR B 128 8.37 -6.90 -6.88
CA TYR B 128 9.63 -7.20 -6.17
C TYR B 128 10.45 -8.29 -6.82
N PRO B 129 10.90 -8.13 -8.09
CA PRO B 129 11.66 -9.22 -8.75
C PRO B 129 12.99 -9.62 -8.13
N TYR B 130 13.68 -8.69 -7.46
CA TYR B 130 15.02 -8.93 -6.89
C TYR B 130 15.01 -9.34 -5.43
N PHE B 131 13.81 -9.50 -4.86
CA PHE B 131 13.61 -9.90 -3.46
C PHE B 131 13.42 -11.41 -3.30
N PHE B 132 14.13 -11.98 -2.29
CA PHE B 132 14.11 -13.38 -1.84
C PHE B 132 14.02 -13.42 -0.31
N ARG B 133 13.48 -14.50 0.23
CA ARG B 133 13.39 -14.68 1.68
C ARG B 133 13.50 -16.14 2.08
N THR B 134 14.25 -16.41 3.18
CA THR B 134 14.44 -17.77 3.70
C THR B 134 13.28 -18.17 4.61
N VAL B 135 12.48 -17.19 5.10
CA VAL B 135 11.37 -17.44 5.99
C VAL B 135 10.03 -17.62 5.21
N PRO B 136 9.21 -18.64 5.53
CA PRO B 136 7.89 -18.75 4.87
C PRO B 136 7.01 -17.54 5.24
N SER B 137 6.19 -17.08 4.28
CA SER B 137 5.33 -15.93 4.49
C SER B 137 4.10 -16.32 5.35
N ASP B 138 3.30 -15.32 5.76
CA ASP B 138 2.08 -15.56 6.53
C ASP B 138 1.09 -16.48 5.77
N ASN B 139 1.14 -16.47 4.42
CA ASN B 139 0.29 -17.29 3.56
C ASN B 139 0.71 -18.76 3.51
N ALA B 140 1.98 -19.08 3.80
CA ALA B 140 2.55 -20.43 3.79
C ALA B 140 1.83 -21.45 4.70
N VAL B 141 0.98 -20.95 5.62
CA VAL B 141 0.19 -21.78 6.52
C VAL B 141 -1.00 -22.41 5.78
N ASN B 142 -1.49 -21.75 4.71
CA ASN B 142 -2.69 -22.18 3.96
C ASN B 142 -2.47 -23.56 3.22
N PRO B 143 -1.38 -23.84 2.45
CA PRO B 143 -1.22 -25.22 1.88
C PRO B 143 -1.10 -26.28 2.96
N ALA B 144 -0.60 -25.88 4.14
CA ALA B 144 -0.48 -26.73 5.32
C ALA B 144 -1.88 -27.08 5.89
N ILE B 145 -2.78 -26.07 6.04
CA ILE B 145 -4.15 -26.25 6.59
C ILE B 145 -4.97 -27.15 5.66
N LEU B 146 -4.82 -26.98 4.34
CA LEU B 146 -5.47 -27.79 3.32
C LEU B 146 -5.17 -29.26 3.57
N LYS B 147 -3.87 -29.60 3.68
CA LYS B 147 -3.38 -30.93 4.01
C LYS B 147 -4.03 -31.47 5.29
N LEU B 148 -4.13 -30.62 6.35
CA LEU B 148 -4.76 -30.99 7.60
C LEU B 148 -6.26 -31.30 7.43
N LEU B 149 -6.98 -30.48 6.65
CA LEU B 149 -8.40 -30.68 6.38
C LEU B 149 -8.64 -31.99 5.63
N LYS B 150 -7.83 -32.25 4.57
CA LYS B 150 -7.85 -33.48 3.76
C LYS B 150 -7.61 -34.69 4.67
N HIS B 151 -6.58 -34.61 5.56
CA HIS B 151 -6.22 -35.68 6.50
C HIS B 151 -7.36 -36.10 7.44
N TYR B 152 -8.14 -35.13 7.94
CA TYR B 152 -9.23 -35.40 8.87
C TYR B 152 -10.60 -35.45 8.20
N GLN B 153 -10.63 -35.42 6.86
CA GLN B 153 -11.84 -35.48 6.03
C GLN B 153 -12.83 -34.33 6.36
N TRP B 154 -12.28 -33.11 6.57
CA TRP B 154 -13.06 -31.91 6.85
C TRP B 154 -13.25 -31.24 5.51
N LYS B 155 -14.47 -31.34 4.99
CA LYS B 155 -14.84 -30.84 3.66
C LYS B 155 -15.62 -29.53 3.70
N ARG B 156 -16.07 -29.12 4.90
CA ARG B 156 -16.84 -27.90 5.10
C ARG B 156 -16.21 -27.10 6.25
N VAL B 157 -15.85 -25.82 5.98
CA VAL B 157 -15.20 -24.93 6.96
C VAL B 157 -15.91 -23.58 7.01
N GLY B 158 -15.76 -22.91 8.13
CA GLY B 158 -16.15 -21.52 8.34
C GLY B 158 -14.88 -20.72 8.59
N THR B 159 -14.90 -19.40 8.34
CA THR B 159 -13.73 -18.55 8.58
C THR B 159 -14.09 -17.35 9.47
N LEU B 160 -13.18 -17.01 10.38
CA LEU B 160 -13.28 -15.89 11.31
C LEU B 160 -11.99 -15.06 11.16
N THR B 161 -12.14 -13.84 10.60
CA THR B 161 -11.03 -12.95 10.28
C THR B 161 -11.20 -11.55 10.88
N GLN B 162 -10.10 -11.04 11.43
CA GLN B 162 -10.04 -9.68 11.92
C GLN B 162 -9.80 -8.76 10.70
N ASP B 163 -10.58 -7.66 10.59
CA ASP B 163 -10.44 -6.68 9.50
C ASP B 163 -9.21 -5.78 9.67
N VAL B 164 -8.02 -6.40 9.55
CA VAL B 164 -6.67 -5.84 9.58
C VAL B 164 -5.93 -6.51 8.41
N GLN B 165 -5.15 -5.73 7.64
CA GLN B 165 -4.46 -6.22 6.43
C GLN B 165 -3.67 -7.53 6.61
N ARG B 166 -2.97 -7.69 7.75
CA ARG B 166 -2.17 -8.86 8.10
C ARG B 166 -3.00 -10.18 8.01
N PHE B 167 -4.27 -10.09 8.39
CA PHE B 167 -5.18 -11.23 8.45
C PHE B 167 -6.03 -11.42 7.21
N SER B 168 -6.51 -10.31 6.59
CA SER B 168 -7.35 -10.37 5.39
C SER B 168 -6.54 -10.86 4.19
N GLU B 169 -5.21 -10.63 4.20
CA GLU B 169 -4.26 -11.14 3.20
C GLU B 169 -4.29 -12.67 3.24
N VAL B 170 -4.24 -13.23 4.45
CA VAL B 170 -4.24 -14.67 4.68
C VAL B 170 -5.59 -15.27 4.24
N ARG B 171 -6.71 -14.70 4.69
CA ARG B 171 -8.06 -15.13 4.30
C ARG B 171 -8.27 -15.08 2.76
N ASN B 172 -7.74 -14.03 2.11
CA ASN B 172 -7.84 -13.86 0.66
C ASN B 172 -7.07 -14.97 -0.09
N ASP B 173 -5.89 -15.35 0.45
CA ASP B 173 -5.06 -16.41 -0.12
C ASP B 173 -5.72 -17.78 0.04
N LEU B 174 -6.46 -17.99 1.15
CA LEU B 174 -7.15 -19.24 1.46
C LEU B 174 -8.14 -19.64 0.36
N THR B 175 -8.88 -18.66 -0.22
CA THR B 175 -9.84 -18.82 -1.31
C THR B 175 -9.20 -19.56 -2.49
N GLY B 176 -8.02 -19.09 -2.91
CA GLY B 176 -7.25 -19.68 -3.99
C GLY B 176 -6.69 -21.06 -3.71
N VAL B 177 -6.31 -21.34 -2.45
CA VAL B 177 -5.74 -22.63 -2.03
C VAL B 177 -6.86 -23.70 -1.97
N LEU B 178 -8.07 -23.31 -1.58
CA LEU B 178 -9.20 -24.24 -1.45
C LEU B 178 -10.03 -24.40 -2.74
N TYR B 179 -9.68 -23.63 -3.78
CA TYR B 179 -10.36 -23.71 -5.07
C TYR B 179 -9.90 -24.97 -5.81
N GLY B 180 -10.88 -25.75 -6.26
CA GLY B 180 -10.65 -27.01 -6.96
C GLY B 180 -10.31 -28.18 -6.06
N GLU B 181 -10.58 -28.02 -4.76
CA GLU B 181 -10.37 -29.04 -3.72
C GLU B 181 -11.76 -29.33 -3.16
N ASP B 182 -11.95 -30.48 -2.54
CA ASP B 182 -13.29 -30.81 -2.07
C ASP B 182 -13.62 -30.17 -0.72
N ILE B 183 -13.35 -28.85 -0.62
CA ILE B 183 -13.55 -28.07 0.61
C ILE B 183 -14.39 -26.84 0.32
N GLU B 184 -15.49 -26.70 1.05
CA GLU B 184 -16.47 -25.62 0.97
C GLU B 184 -16.30 -24.64 2.15
N ILE B 185 -16.28 -23.33 1.87
CA ILE B 185 -16.24 -22.30 2.92
C ILE B 185 -17.70 -21.86 3.05
N SER B 186 -18.45 -22.59 3.89
CA SER B 186 -19.88 -22.40 4.11
C SER B 186 -20.25 -21.05 4.74
N ASP B 187 -19.32 -20.42 5.49
CA ASP B 187 -19.54 -19.15 6.17
C ASP B 187 -18.24 -18.34 6.33
N THR B 188 -18.25 -17.10 5.80
CA THR B 188 -17.12 -16.16 5.87
C THR B 188 -17.53 -15.02 6.77
N GLU B 189 -16.88 -14.88 7.93
CA GLU B 189 -17.22 -13.83 8.88
C GLU B 189 -16.03 -12.97 9.28
N SER B 190 -16.24 -11.64 9.28
CA SER B 190 -15.26 -10.61 9.63
C SER B 190 -15.71 -9.83 10.86
N PHE B 191 -14.76 -9.20 11.55
CA PHE B 191 -14.99 -8.35 12.72
C PHE B 191 -13.83 -7.36 12.82
N SER B 192 -14.06 -6.21 13.46
CA SER B 192 -12.99 -5.22 13.63
C SER B 192 -12.55 -5.15 15.08
N ASN B 193 -13.52 -4.92 16.01
CA ASN B 193 -13.25 -4.77 17.43
C ASN B 193 -13.81 -5.91 18.30
N ASP B 194 -15.02 -6.41 17.97
CA ASP B 194 -15.67 -7.49 18.73
C ASP B 194 -16.10 -8.68 17.86
N PRO B 195 -15.60 -9.91 18.19
CA PRO B 195 -15.93 -11.08 17.37
C PRO B 195 -17.27 -11.76 17.65
N CYS B 196 -17.87 -11.44 18.80
CA CYS B 196 -19.10 -12.04 19.33
C CYS B 196 -20.27 -12.13 18.35
N THR B 197 -20.51 -11.08 17.55
CA THR B 197 -21.59 -11.09 16.56
C THR B 197 -21.27 -12.13 15.48
N SER B 198 -20.04 -12.11 14.96
CA SER B 198 -19.56 -13.05 13.95
C SER B 198 -19.53 -14.50 14.43
N VAL B 199 -19.18 -14.72 15.72
CA VAL B 199 -19.14 -16.03 16.37
C VAL B 199 -20.56 -16.58 16.49
N LYS B 200 -21.56 -15.71 16.77
CA LYS B 200 -22.98 -16.11 16.86
C LYS B 200 -23.50 -16.54 15.47
N LYS B 201 -23.10 -15.83 14.39
CA LYS B 201 -23.49 -16.18 13.02
C LYS B 201 -22.89 -17.55 12.64
N LEU B 202 -21.61 -17.81 13.01
CA LEU B 202 -20.94 -19.10 12.74
C LEU B 202 -21.67 -20.25 13.43
N LYS B 203 -22.13 -20.04 14.68
CA LYS B 203 -22.90 -20.99 15.48
C LYS B 203 -24.23 -21.31 14.78
N GLY B 204 -24.94 -20.26 14.34
CA GLY B 204 -26.20 -20.34 13.62
C GLY B 204 -26.13 -21.06 12.28
N ASN B 205 -25.04 -20.85 11.52
CA ASN B 205 -24.82 -21.50 10.22
C ASN B 205 -24.29 -22.96 10.40
N ASP B 206 -24.27 -23.44 11.66
CA ASP B 206 -23.82 -24.76 12.13
C ASP B 206 -22.37 -25.11 11.76
N VAL B 207 -21.47 -24.08 11.73
CA VAL B 207 -20.05 -24.28 11.42
C VAL B 207 -19.38 -25.10 12.55
N ARG B 208 -18.59 -26.10 12.15
CA ARG B 208 -17.88 -26.99 13.08
C ARG B 208 -16.35 -26.79 13.07
N ILE B 209 -15.77 -26.58 11.87
CA ILE B 209 -14.33 -26.39 11.69
C ILE B 209 -14.10 -24.91 11.33
N ILE B 210 -13.47 -24.14 12.26
CA ILE B 210 -13.25 -22.72 12.09
C ILE B 210 -11.78 -22.42 11.79
N LEU B 211 -11.53 -21.68 10.68
CA LEU B 211 -10.20 -21.21 10.30
C LEU B 211 -10.13 -19.74 10.73
N GLY B 212 -9.41 -19.50 11.82
CA GLY B 212 -9.28 -18.19 12.44
C GLY B 212 -8.02 -17.42 12.10
N GLN B 213 -8.19 -16.16 11.72
CA GLN B 213 -7.07 -15.26 11.44
C GLN B 213 -7.28 -13.94 12.17
N PHE B 214 -6.65 -13.78 13.34
CA PHE B 214 -6.77 -12.62 14.25
C PHE B 214 -5.58 -12.57 15.19
N ASP B 215 -5.30 -11.37 15.77
CA ASP B 215 -4.19 -11.19 16.72
C ASP B 215 -4.46 -11.82 18.07
N GLN B 216 -3.42 -11.94 18.88
CA GLN B 216 -3.40 -12.48 20.25
C GLN B 216 -4.47 -11.83 21.17
N ASN B 217 -4.63 -10.49 21.09
CA ASN B 217 -5.59 -9.74 21.88
C ASN B 217 -7.02 -10.15 21.53
N MET B 218 -7.29 -10.28 20.22
CA MET B 218 -8.59 -10.69 19.70
C MET B 218 -8.92 -12.16 19.96
N ALA B 219 -7.89 -13.03 19.98
CA ALA B 219 -8.04 -14.46 20.25
C ALA B 219 -8.76 -14.76 21.56
N ALA B 220 -8.38 -14.06 22.66
CA ALA B 220 -9.01 -14.23 23.98
C ALA B 220 -10.48 -13.82 23.95
N LYS B 221 -10.83 -12.83 23.12
CA LYS B 221 -12.21 -12.39 22.92
C LYS B 221 -12.98 -13.44 22.13
N VAL B 222 -12.34 -14.02 21.09
CA VAL B 222 -12.90 -15.07 20.22
C VAL B 222 -13.29 -16.27 21.08
N PHE B 223 -12.36 -16.75 21.93
CA PHE B 223 -12.60 -17.91 22.79
C PHE B 223 -13.57 -17.62 23.91
N CYS B 224 -13.72 -16.35 24.28
CA CYS B 224 -14.68 -15.92 25.27
C CYS B 224 -16.08 -16.09 24.66
N CYS B 225 -16.30 -15.52 23.44
CA CYS B 225 -17.54 -15.65 22.69
C CYS B 225 -17.83 -17.13 22.43
N ALA B 226 -16.79 -17.93 22.06
CA ALA B 226 -16.90 -19.38 21.81
C ALA B 226 -17.48 -20.14 23.00
N TYR B 227 -17.01 -19.81 24.23
CA TYR B 227 -17.52 -20.42 25.47
C TYR B 227 -19.00 -20.08 25.67
N GLU B 228 -19.37 -18.81 25.48
CA GLU B 228 -20.72 -18.30 25.65
C GLU B 228 -21.71 -18.91 24.69
N GLU B 229 -21.27 -19.14 23.44
CA GLU B 229 -22.07 -19.73 22.37
C GLU B 229 -21.87 -21.25 22.28
N ASN B 230 -21.17 -21.86 23.28
CA ASN B 230 -20.88 -23.31 23.33
C ASN B 230 -20.19 -23.88 22.06
N MET B 231 -19.51 -23.00 21.26
CA MET B 231 -18.76 -23.38 20.06
C MET B 231 -17.39 -23.97 20.47
N TYR B 232 -17.41 -25.02 21.32
CA TYR B 232 -16.22 -25.73 21.79
C TYR B 232 -16.52 -27.19 22.15
N GLY B 233 -15.48 -27.97 22.38
CA GLY B 233 -15.57 -29.38 22.73
C GLY B 233 -15.47 -30.34 21.55
N SER B 234 -15.93 -31.58 21.78
CA SER B 234 -15.91 -32.73 20.85
C SER B 234 -16.45 -32.45 19.44
N LYS B 235 -17.38 -31.48 19.31
CA LYS B 235 -17.99 -31.13 18.03
C LYS B 235 -17.24 -30.05 17.23
N TYR B 236 -16.32 -29.32 17.89
CA TYR B 236 -15.63 -28.19 17.23
C TYR B 236 -14.11 -28.29 17.12
N GLN B 237 -13.59 -27.74 16.02
CA GLN B 237 -12.17 -27.60 15.76
C GLN B 237 -11.82 -26.19 15.31
N TRP B 238 -11.08 -25.49 16.18
CA TRP B 238 -10.57 -24.16 15.88
C TRP B 238 -9.14 -24.31 15.36
N ILE B 239 -8.86 -23.73 14.18
CA ILE B 239 -7.53 -23.74 13.54
C ILE B 239 -7.14 -22.29 13.42
N ILE B 240 -6.22 -21.85 14.29
CA ILE B 240 -5.87 -20.43 14.44
C ILE B 240 -4.34 -20.15 14.33
N PRO B 241 -3.86 -18.87 14.41
CA PRO B 241 -2.39 -18.62 14.36
C PRO B 241 -1.62 -19.31 15.46
N GLY B 242 -0.41 -19.74 15.14
CA GLY B 242 0.46 -20.41 16.12
C GLY B 242 1.63 -19.55 16.58
N TRP B 243 1.60 -18.26 16.29
CA TRP B 243 2.73 -17.38 16.61
C TRP B 243 2.54 -16.52 17.89
N TYR B 244 1.46 -16.72 18.65
CA TYR B 244 1.18 -15.95 19.87
C TYR B 244 2.23 -16.17 20.96
N GLU B 245 2.36 -15.19 21.90
CA GLU B 245 3.25 -15.29 23.06
C GLU B 245 2.78 -16.44 23.93
N PRO B 246 3.67 -17.24 24.54
CA PRO B 246 3.20 -18.29 25.46
C PRO B 246 2.56 -17.63 26.68
N SER B 247 1.50 -18.24 27.24
CA SER B 247 0.68 -17.71 28.36
C SER B 247 0.02 -16.38 27.95
N TRP B 248 -0.27 -16.25 26.63
CA TRP B 248 -0.90 -15.07 26.02
C TRP B 248 -2.29 -14.78 26.56
N TRP B 249 -2.99 -15.85 27.01
CA TRP B 249 -4.36 -15.81 27.52
C TRP B 249 -4.45 -15.27 28.96
N GLU B 250 -3.37 -15.46 29.75
CA GLU B 250 -3.25 -15.01 31.13
C GLU B 250 -3.14 -13.47 31.21
N GLN B 251 -2.30 -12.88 30.32
CA GLN B 251 -1.99 -11.45 30.18
C GLN B 251 -3.18 -10.50 30.40
N SER B 259 -13.50 -9.38 29.00
CA SER B 259 -13.99 -8.80 30.23
C SER B 259 -14.96 -9.73 30.97
N ARG B 260 -16.03 -10.23 30.29
CA ARG B 260 -17.02 -11.06 30.98
C ARG B 260 -16.64 -12.52 31.23
N CYS B 261 -15.90 -13.20 30.32
CA CYS B 261 -15.58 -14.61 30.61
C CYS B 261 -14.59 -14.75 31.73
N LEU B 262 -14.63 -15.92 32.36
CA LEU B 262 -13.69 -16.31 33.39
C LEU B 262 -12.48 -16.98 32.73
N ARG B 263 -11.35 -17.07 33.46
CA ARG B 263 -10.14 -17.73 32.96
C ARG B 263 -10.37 -19.22 32.74
N LYS B 264 -11.07 -19.90 33.68
CA LYS B 264 -11.37 -21.32 33.58
C LYS B 264 -12.27 -21.63 32.36
N ASN B 265 -13.12 -20.66 32.00
CA ASN B 265 -14.08 -20.72 30.90
C ASN B 265 -13.43 -20.45 29.56
N LEU B 266 -12.33 -19.68 29.58
CA LEU B 266 -11.54 -19.36 28.39
C LEU B 266 -10.74 -20.59 28.02
N LEU B 267 -10.07 -21.19 29.03
CA LEU B 267 -9.28 -22.42 28.90
C LEU B 267 -10.11 -23.60 28.40
N ALA B 268 -11.40 -23.67 28.79
CA ALA B 268 -12.37 -24.70 28.38
C ALA B 268 -12.71 -24.57 26.89
N ALA B 269 -12.92 -23.32 26.41
CA ALA B 269 -13.21 -23.03 25.02
C ALA B 269 -11.97 -23.16 24.12
N MET B 270 -10.78 -22.83 24.67
CA MET B 270 -9.46 -22.91 24.01
C MET B 270 -9.02 -24.35 23.81
N GLU B 271 -9.41 -25.25 24.75
CA GLU B 271 -9.00 -26.66 24.78
C GLU B 271 -9.12 -27.37 23.43
N GLY B 272 -7.97 -27.79 22.92
CA GLY B 272 -7.88 -28.50 21.65
C GLY B 272 -7.68 -27.68 20.40
N TYR B 273 -7.56 -26.34 20.51
CA TYR B 273 -7.34 -25.54 19.30
C TYR B 273 -6.04 -25.94 18.61
N ILE B 274 -5.98 -25.83 17.28
CA ILE B 274 -4.78 -26.12 16.53
C ILE B 274 -4.16 -24.78 16.11
N GLY B 275 -2.88 -24.61 16.41
CA GLY B 275 -2.10 -23.45 16.02
C GLY B 275 -1.29 -23.81 14.79
N VAL B 276 -1.09 -22.83 13.89
CA VAL B 276 -0.29 -23.03 12.68
C VAL B 276 0.70 -21.89 12.53
N ASP B 277 2.00 -22.22 12.32
CA ASP B 277 3.06 -21.19 12.15
C ASP B 277 4.25 -21.89 11.51
N PHE B 278 5.28 -21.11 11.03
CA PHE B 278 6.49 -21.71 10.47
C PHE B 278 7.24 -22.44 11.58
N GLU B 279 8.07 -23.43 11.21
CA GLU B 279 8.89 -24.22 12.11
C GLU B 279 10.21 -23.45 12.31
N PRO B 280 10.54 -22.95 13.54
CA PRO B 280 11.83 -22.23 13.72
C PRO B 280 13.10 -22.99 13.30
N LEU B 281 13.21 -24.30 13.64
CA LEU B 281 14.36 -25.15 13.29
C LEU B 281 13.91 -26.54 12.93
N SER B 282 14.71 -27.25 12.10
CA SER B 282 14.45 -28.63 11.70
C SER B 282 14.49 -29.58 12.90
N SER B 283 13.55 -30.53 12.92
CA SER B 283 13.47 -31.55 13.98
C SER B 283 14.32 -32.78 13.60
N LYS B 284 14.79 -32.87 12.33
CA LYS B 284 15.61 -33.96 11.82
C LYS B 284 17.03 -33.87 12.36
N GLN B 285 17.51 -34.94 13.01
CA GLN B 285 18.87 -35.02 13.57
C GLN B 285 19.91 -35.36 12.48
N ILE B 286 19.78 -34.71 11.32
CA ILE B 286 20.63 -34.91 10.15
C ILE B 286 21.61 -33.72 10.06
N LYS B 287 22.87 -34.00 9.64
CA LYS B 287 23.91 -32.98 9.47
C LYS B 287 23.47 -31.99 8.39
N THR B 288 23.70 -30.68 8.61
CA THR B 288 23.34 -29.66 7.64
C THR B 288 24.59 -29.30 6.85
N ILE B 289 24.50 -28.31 5.93
CA ILE B 289 25.61 -27.83 5.09
C ILE B 289 26.89 -27.48 5.92
N SER B 290 26.74 -27.06 7.18
CA SER B 290 27.85 -26.69 8.04
C SER B 290 28.51 -27.90 8.75
N GLY B 291 27.88 -29.06 8.65
CA GLY B 291 28.37 -30.27 9.30
C GLY B 291 27.76 -30.48 10.67
N LYS B 292 26.89 -29.55 11.12
CA LYS B 292 26.19 -29.66 12.40
C LYS B 292 24.74 -30.01 12.16
N THR B 293 24.12 -30.74 13.10
CA THR B 293 22.70 -31.06 13.05
C THR B 293 21.96 -29.78 13.54
N PRO B 294 20.63 -29.61 13.34
CA PRO B 294 19.97 -28.39 13.88
C PRO B 294 20.10 -28.22 15.41
N GLN B 295 20.17 -29.34 16.14
CA GLN B 295 20.31 -29.43 17.61
C GLN B 295 21.68 -28.89 18.06
N GLN B 296 22.75 -29.25 17.32
CA GLN B 296 24.11 -28.80 17.62
C GLN B 296 24.24 -27.29 17.38
N TYR B 297 23.70 -26.78 16.24
CA TYR B 297 23.69 -25.36 15.92
C TYR B 297 22.91 -24.59 17.02
N GLU B 298 21.77 -25.13 17.44
CA GLU B 298 20.96 -24.47 18.47
C GLU B 298 21.73 -24.28 19.79
N ARG B 299 22.57 -25.29 20.20
CA ARG B 299 23.42 -25.21 21.40
C ARG B 299 24.48 -24.17 21.18
N GLU B 300 25.16 -24.19 20.03
CA GLU B 300 26.16 -23.19 19.63
C GLU B 300 25.58 -21.76 19.68
N TYR B 301 24.33 -21.57 19.17
CA TYR B 301 23.61 -20.28 19.18
C TYR B 301 23.32 -19.81 20.61
N ASN B 302 22.76 -20.70 21.45
CA ASN B 302 22.42 -20.39 22.84
C ASN B 302 23.67 -20.01 23.71
N ASN B 303 24.85 -20.62 23.43
CA ASN B 303 26.09 -20.24 24.12
C ASN B 303 26.57 -18.86 23.66
N LYS B 304 26.55 -18.62 22.32
CA LYS B 304 27.01 -17.36 21.72
C LYS B 304 26.14 -16.16 21.99
N ARG B 305 24.80 -16.35 22.03
CA ARG B 305 23.90 -15.21 22.24
C ARG B 305 24.11 -14.52 23.57
N SER B 306 24.54 -15.30 24.60
CA SER B 306 24.86 -14.82 25.94
C SER B 306 23.61 -14.15 26.59
N GLY B 307 23.69 -12.87 26.94
CA GLY B 307 22.57 -12.14 27.52
C GLY B 307 21.47 -11.73 26.55
N VAL B 308 21.79 -11.64 25.23
CA VAL B 308 20.80 -11.22 24.23
C VAL B 308 19.69 -12.28 24.12
N GLY B 309 18.45 -11.81 24.27
CA GLY B 309 17.26 -12.65 24.20
C GLY B 309 17.14 -13.40 22.87
N PRO B 310 16.68 -14.66 22.87
CA PRO B 310 16.59 -15.40 21.59
C PRO B 310 15.48 -14.90 20.65
N SER B 311 15.69 -15.12 19.35
CA SER B 311 14.73 -14.75 18.30
C SER B 311 14.40 -16.00 17.52
N LYS B 312 13.10 -16.23 17.22
CA LYS B 312 12.64 -17.39 16.44
C LYS B 312 13.11 -17.39 14.97
N PHE B 313 13.69 -16.27 14.48
CA PHE B 313 14.21 -16.09 13.12
C PHE B 313 15.70 -16.36 13.03
N HIS B 314 16.34 -16.75 14.15
CA HIS B 314 17.80 -16.98 14.21
C HIS B 314 18.25 -18.04 13.19
N GLY B 315 17.50 -19.13 13.05
CA GLY B 315 17.81 -20.20 12.09
C GLY B 315 17.70 -19.74 10.64
N TYR B 316 16.70 -18.87 10.37
CA TYR B 316 16.45 -18.27 9.07
C TYR B 316 17.56 -17.29 8.71
N ALA B 317 18.11 -16.58 9.72
CA ALA B 317 19.24 -15.66 9.55
C ALA B 317 20.53 -16.44 9.26
N TYR B 318 20.76 -17.53 10.02
CA TYR B 318 21.90 -18.44 9.88
C TYR B 318 21.92 -19.04 8.48
N ASP B 319 20.82 -19.72 8.07
CA ASP B 319 20.66 -20.30 6.73
C ASP B 319 20.78 -19.22 5.65
N GLY B 320 20.34 -18.00 5.97
CA GLY B 320 20.47 -16.83 5.09
C GLY B 320 21.90 -16.56 4.68
N ILE B 321 22.84 -16.55 5.65
CA ILE B 321 24.28 -16.32 5.41
C ILE B 321 24.87 -17.39 4.48
N TRP B 322 24.45 -18.67 4.66
CA TRP B 322 24.83 -19.79 3.82
C TRP B 322 24.27 -19.65 2.41
N VAL B 323 23.02 -19.17 2.27
CA VAL B 323 22.41 -18.89 0.96
C VAL B 323 23.27 -17.85 0.22
N ILE B 324 23.70 -16.78 0.90
CA ILE B 324 24.51 -15.72 0.29
C ILE B 324 25.89 -16.27 -0.16
N ALA B 325 26.61 -16.96 0.75
CA ALA B 325 27.93 -17.57 0.50
C ALA B 325 27.90 -18.57 -0.67
N LYS B 326 26.87 -19.43 -0.73
CA LYS B 326 26.67 -20.41 -1.80
C LYS B 326 26.33 -19.71 -3.12
N THR B 327 25.51 -18.63 -3.06
CA THR B 327 25.15 -17.82 -4.23
C THR B 327 26.41 -17.15 -4.79
N LEU B 328 27.22 -16.54 -3.92
CA LEU B 328 28.47 -15.89 -4.32
C LEU B 328 29.46 -16.87 -4.98
N GLN B 329 29.50 -18.12 -4.49
CA GLN B 329 30.31 -19.21 -5.04
C GLN B 329 29.91 -19.48 -6.47
N ARG B 330 28.59 -19.75 -6.73
CA ARG B 330 28.01 -20.02 -8.05
C ARG B 330 28.29 -18.87 -9.01
N ALA B 331 28.12 -17.63 -8.54
CA ALA B 331 28.36 -16.40 -9.30
C ALA B 331 29.82 -16.32 -9.73
N MET B 332 30.77 -16.63 -8.80
CA MET B 332 32.22 -16.62 -9.04
C MET B 332 32.62 -17.65 -10.11
N GLU B 333 31.96 -18.81 -10.11
CA GLU B 333 32.14 -19.88 -11.09
C GLU B 333 31.66 -19.43 -12.46
N THR B 334 30.50 -18.74 -12.51
CA THR B 334 29.87 -18.22 -13.73
C THR B 334 30.79 -17.21 -14.40
N LEU B 335 31.44 -16.37 -13.59
CA LEU B 335 32.39 -15.36 -14.08
C LEU B 335 33.63 -16.03 -14.63
N HIS B 336 34.14 -17.06 -13.92
CA HIS B 336 35.31 -17.84 -14.31
C HIS B 336 35.04 -18.69 -15.55
N ALA B 337 33.78 -19.21 -15.71
CA ALA B 337 33.30 -19.99 -16.86
C ALA B 337 33.62 -19.19 -18.13
N SER B 338 33.59 -17.84 -18.01
CA SER B 338 34.02 -16.93 -19.04
C SER B 338 35.48 -16.56 -18.70
N ILE B 344 34.50 -9.37 -10.13
CA ILE B 344 33.53 -8.94 -9.10
C ILE B 344 33.85 -7.52 -8.64
N GLN B 345 35.15 -7.20 -8.55
CA GLN B 345 35.66 -5.90 -8.07
C GLN B 345 35.01 -4.70 -8.75
N ASP B 346 34.89 -4.76 -10.08
CA ASP B 346 34.35 -3.67 -10.89
C ASP B 346 32.87 -3.48 -10.73
N PHE B 347 32.14 -4.49 -10.19
CA PHE B 347 30.70 -4.33 -9.94
C PHE B 347 30.51 -3.13 -9.07
N ASN B 348 29.59 -2.33 -9.53
CA ASN B 348 28.98 -1.22 -8.88
C ASN B 348 27.58 -1.50 -9.36
N TYR B 349 26.62 -0.92 -8.68
CA TYR B 349 25.19 -1.08 -8.91
C TYR B 349 24.76 -1.01 -10.38
N THR B 350 25.64 -0.48 -11.24
CA THR B 350 25.51 -0.33 -12.69
C THR B 350 25.52 -1.67 -13.44
N ASP B 351 26.34 -2.65 -12.99
CA ASP B 351 26.41 -3.95 -13.66
C ASP B 351 25.11 -4.74 -13.55
N HIS B 352 24.27 -4.59 -14.57
CA HIS B 352 23.00 -5.29 -14.70
C HIS B 352 23.28 -6.80 -14.79
N THR B 353 24.30 -7.17 -15.60
CA THR B 353 24.68 -8.55 -15.88
C THR B 353 25.06 -9.33 -14.62
N LEU B 354 25.90 -8.75 -13.73
CA LEU B 354 26.28 -9.41 -12.47
C LEU B 354 25.07 -9.62 -11.56
N GLY B 355 24.20 -8.60 -11.48
CA GLY B 355 22.95 -8.65 -10.73
C GLY B 355 22.06 -9.79 -11.19
N ARG B 356 22.04 -10.03 -12.52
CA ARG B 356 21.30 -11.13 -13.15
C ARG B 356 21.97 -12.48 -12.85
N ILE B 357 23.32 -12.51 -12.81
CA ILE B 357 24.15 -13.68 -12.47
C ILE B 357 23.84 -14.09 -11.02
N ILE B 358 23.94 -13.13 -10.06
CA ILE B 358 23.62 -13.31 -8.65
C ILE B 358 22.15 -13.77 -8.50
N LEU B 359 21.21 -13.14 -9.25
CA LEU B 359 19.79 -13.48 -9.26
C LEU B 359 19.57 -14.93 -9.72
N ASN B 360 20.31 -15.37 -10.78
CA ASN B 360 20.23 -16.72 -11.30
C ASN B 360 20.85 -17.71 -10.33
N ALA B 361 22.00 -17.36 -9.73
CA ALA B 361 22.68 -18.18 -8.73
C ALA B 361 21.80 -18.45 -7.46
N MET B 362 21.04 -17.41 -6.99
CA MET B 362 20.15 -17.55 -5.83
C MET B 362 18.95 -18.47 -6.11
N ASN B 363 18.47 -18.47 -7.35
CA ASN B 363 17.35 -19.31 -7.79
C ASN B 363 17.75 -20.81 -7.84
N GLU B 364 19.06 -21.09 -7.81
CA GLU B 364 19.62 -22.45 -7.84
C GLU B 364 19.76 -23.04 -6.44
N THR B 365 19.63 -22.20 -5.38
CA THR B 365 19.76 -22.57 -3.97
C THR B 365 18.99 -23.86 -3.66
N ASN B 366 19.72 -24.86 -3.13
CA ASN B 366 19.21 -26.19 -2.78
C ASN B 366 20.18 -26.92 -1.89
N PHE B 367 20.05 -26.73 -0.57
CA PHE B 367 20.89 -27.39 0.42
C PHE B 367 20.07 -27.58 1.69
N PHE B 368 20.51 -28.51 2.57
CA PHE B 368 19.83 -28.76 3.84
C PHE B 368 20.49 -27.89 4.90
N GLY B 369 19.68 -27.01 5.47
CA GLY B 369 20.07 -26.04 6.49
C GLY B 369 19.42 -26.33 7.82
N VAL B 370 19.66 -25.46 8.80
CA VAL B 370 19.13 -25.64 10.16
C VAL B 370 17.58 -25.50 10.22
N THR B 371 16.97 -24.88 9.20
CA THR B 371 15.50 -24.70 9.13
C THR B 371 14.88 -25.73 8.16
N GLY B 372 15.70 -26.70 7.78
CA GLY B 372 15.36 -27.79 6.87
C GLY B 372 16.00 -27.50 5.53
N GLN B 373 15.43 -28.10 4.48
CA GLN B 373 15.90 -27.92 3.11
C GLN B 373 15.60 -26.47 2.71
N VAL B 374 16.63 -25.75 2.28
CA VAL B 374 16.53 -24.35 1.84
C VAL B 374 16.43 -24.33 0.30
N VAL B 375 15.23 -24.05 -0.21
CA VAL B 375 14.86 -23.99 -1.64
C VAL B 375 13.83 -22.86 -1.82
N PHE B 376 13.93 -22.14 -2.96
CA PHE B 376 13.00 -21.07 -3.32
C PHE B 376 12.13 -21.47 -4.50
N ARG B 377 10.90 -20.96 -4.54
CA ARG B 377 9.95 -21.12 -5.63
C ARG B 377 9.43 -19.70 -5.92
N ASN B 378 10.09 -19.02 -6.86
CA ASN B 378 9.83 -17.63 -7.26
C ASN B 378 10.08 -16.65 -6.08
N GLY B 379 11.26 -16.79 -5.47
CA GLY B 379 11.74 -15.97 -4.37
C GLY B 379 11.18 -16.30 -3.00
N GLU B 380 10.17 -17.17 -2.98
CA GLU B 380 9.45 -17.64 -1.79
C GLU B 380 10.06 -18.91 -1.27
N ARG B 381 10.19 -18.98 0.06
CA ARG B 381 10.68 -20.18 0.73
C ARG B 381 9.68 -21.34 0.76
N MET B 382 10.13 -22.49 0.30
CA MET B 382 9.41 -23.74 0.44
C MET B 382 10.04 -24.29 1.76
N GLY B 383 9.30 -24.16 2.86
CA GLY B 383 9.81 -24.56 4.16
C GLY B 383 8.95 -25.56 4.88
N THR B 384 8.98 -25.46 6.20
CA THR B 384 8.26 -26.32 7.11
C THR B 384 7.31 -25.49 7.98
N ILE B 385 6.08 -25.98 8.11
CA ILE B 385 5.00 -25.43 8.92
C ILE B 385 4.75 -26.35 10.10
N LYS B 386 4.76 -25.77 11.30
CA LYS B 386 4.56 -26.43 12.56
C LYS B 386 3.07 -26.38 12.94
N PHE B 387 2.51 -27.51 13.38
CA PHE B 387 1.16 -27.61 13.88
C PHE B 387 1.25 -27.84 15.36
N THR B 388 0.46 -27.10 16.13
CA THR B 388 0.43 -27.24 17.58
C THR B 388 -0.99 -27.45 18.00
N GLN B 389 -1.19 -27.93 19.23
CA GLN B 389 -2.49 -28.07 19.84
C GLN B 389 -2.39 -27.60 21.29
N PHE B 390 -3.38 -26.78 21.71
CA PHE B 390 -3.47 -26.33 23.08
C PHE B 390 -3.97 -27.49 23.92
N GLN B 391 -3.15 -27.96 24.86
CA GLN B 391 -3.52 -29.08 25.72
C GLN B 391 -3.30 -28.73 27.19
N ASP B 392 -4.43 -28.48 27.89
CA ASP B 392 -4.57 -28.12 29.30
C ASP B 392 -3.97 -26.77 29.67
N SER B 393 -2.65 -26.60 29.52
CA SER B 393 -1.95 -25.39 29.94
C SER B 393 -1.08 -24.73 28.88
N ARG B 394 -0.82 -25.42 27.77
CA ARG B 394 0.03 -24.87 26.72
C ARG B 394 -0.12 -25.54 25.37
N GLU B 395 0.51 -24.92 24.35
CA GLU B 395 0.57 -25.42 23.00
C GLU B 395 1.67 -26.48 22.94
N VAL B 396 1.31 -27.63 22.37
CA VAL B 396 2.17 -28.80 22.18
C VAL B 396 2.22 -29.14 20.69
N LYS B 397 3.43 -29.45 20.17
CA LYS B 397 3.62 -29.81 18.78
C LYS B 397 2.89 -31.14 18.47
N VAL B 398 2.07 -31.13 17.39
CA VAL B 398 1.26 -32.27 16.94
C VAL B 398 1.58 -32.70 15.50
N GLY B 399 2.40 -31.90 14.82
CA GLY B 399 2.74 -32.21 13.44
C GLY B 399 3.55 -31.17 12.69
N GLU B 400 3.91 -31.53 11.45
CA GLU B 400 4.64 -30.66 10.56
C GLU B 400 4.31 -30.95 9.12
N TYR B 401 4.24 -29.87 8.35
CA TYR B 401 3.97 -29.88 6.92
C TYR B 401 5.25 -29.49 6.17
N ASN B 402 5.61 -30.29 5.17
CA ASN B 402 6.77 -30.10 4.32
C ASN B 402 6.24 -29.50 3.02
N ALA B 403 6.59 -28.23 2.74
CA ALA B 403 6.11 -27.53 1.56
C ALA B 403 6.66 -28.05 0.23
N VAL B 404 7.92 -28.54 0.23
CA VAL B 404 8.61 -29.08 -0.95
C VAL B 404 7.87 -30.32 -1.48
N ALA B 405 7.66 -31.31 -0.61
CA ALA B 405 7.02 -32.58 -0.90
C ALA B 405 5.50 -32.46 -0.86
N ASP B 406 4.98 -31.39 -0.23
CA ASP B 406 3.57 -31.14 0.02
C ASP B 406 3.02 -32.28 0.87
N THR B 407 3.74 -32.65 1.92
CA THR B 407 3.28 -33.75 2.78
C THR B 407 3.05 -33.30 4.22
N LEU B 408 2.18 -34.03 4.89
CA LEU B 408 1.83 -33.81 6.27
C LEU B 408 2.21 -35.03 7.10
N GLU B 409 2.81 -34.78 8.26
CA GLU B 409 3.17 -35.79 9.23
C GLU B 409 2.56 -35.39 10.58
N ILE B 410 1.59 -36.18 11.03
CA ILE B 410 0.95 -35.97 12.30
C ILE B 410 1.62 -36.89 13.33
N ILE B 411 2.15 -36.30 14.42
CA ILE B 411 2.81 -37.03 15.50
C ILE B 411 1.77 -37.91 16.22
N ASN B 412 2.02 -39.24 16.22
CA ASN B 412 1.17 -40.25 16.86
C ASN B 412 1.23 -40.09 18.39
N ASP B 413 0.07 -40.22 19.05
CA ASP B 413 -0.14 -40.11 20.51
C ASP B 413 0.20 -38.72 21.08
N THR B 414 -0.13 -37.65 20.32
CA THR B 414 0.01 -36.27 20.77
C THR B 414 -1.33 -35.56 20.58
N ILE B 415 -1.79 -35.43 19.32
CA ILE B 415 -3.06 -34.80 18.95
C ILE B 415 -4.25 -35.58 19.53
N ARG B 416 -5.22 -34.85 20.10
CA ARG B 416 -6.37 -35.46 20.75
C ARG B 416 -7.68 -34.72 20.53
N PHE B 417 -8.78 -35.48 20.60
CA PHE B 417 -10.14 -34.99 20.45
C PHE B 417 -10.95 -35.42 21.66
N GLN B 418 -11.84 -34.53 22.16
CA GLN B 418 -12.68 -34.78 23.34
C GLN B 418 -13.65 -35.95 23.15
N GLY B 419 -14.07 -36.19 21.92
CA GLY B 419 -14.96 -37.30 21.57
C GLY B 419 -14.21 -38.54 21.10
N SER B 420 -14.95 -39.62 20.79
CA SER B 420 -14.41 -40.92 20.32
C SER B 420 -13.69 -40.80 18.96
N GLU B 421 -14.15 -39.86 18.13
CA GLU B 421 -13.62 -39.61 16.79
C GLU B 421 -13.26 -38.12 16.66
N PRO B 422 -12.47 -37.68 15.64
CA PRO B 422 -12.29 -36.23 15.44
C PRO B 422 -13.66 -35.64 15.06
N PRO B 423 -13.94 -34.33 15.27
CA PRO B 423 -15.27 -33.81 14.90
C PRO B 423 -15.64 -33.96 13.43
N LYS B 424 -16.95 -33.98 13.16
CA LYS B 424 -17.53 -34.01 11.82
C LYS B 424 -17.75 -32.55 11.41
N ASP B 425 -17.67 -32.24 10.11
CA ASP B 425 -17.79 -30.87 9.61
C ASP B 425 -19.26 -30.30 9.50
N ASP B 426 -20.29 -31.09 9.90
CA ASP B 426 -21.69 -30.63 9.82
C ASP B 426 -22.60 -31.26 10.87
C1 NAG C . -1.12 42.65 -18.96
C2 NAG C . -0.13 43.81 -19.05
C3 NAG C . -0.97 44.88 -19.73
C4 NAG C . -1.22 44.50 -21.18
C5 NAG C . -1.80 43.09 -21.37
C6 NAG C . -1.03 42.28 -22.39
C7 NAG C . 1.53 44.30 -17.25
C8 NAG C . 2.61 44.09 -18.25
N2 NAG C . 0.23 44.22 -17.70
O3 NAG C . -0.24 46.10 -19.68
O4 NAG C . -2.11 45.42 -21.80
O5 NAG C . -1.78 42.29 -20.18
O6 NAG C . -1.19 42.79 -23.72
O7 NAG C . 1.78 44.59 -16.07
C1 NAG C . -1.55 46.28 -22.85
C2 NAG C . -2.71 47.07 -23.47
C3 NAG C . -1.93 47.86 -24.52
C4 NAG C . -0.99 48.88 -23.88
C5 NAG C . -0.02 48.23 -22.88
C6 NAG C . 0.19 49.02 -21.61
C7 NAG C . -4.71 45.62 -23.49
C8 NAG C . -5.27 44.39 -24.12
N2 NAG C . -3.61 46.11 -24.09
O3 NAG C . -2.86 48.51 -25.37
O4 NAG C . -0.16 49.38 -24.95
O5 NAG C . -0.34 46.91 -22.42
O6 NAG C . -0.04 50.40 -21.77
O7 NAG C . -5.20 46.14 -22.48
C1 MAN C . -0.30 50.68 -25.54
C2 MAN C . 1.14 51.31 -25.60
C3 MAN C . 1.22 52.83 -25.42
C4 MAN C . -0.06 53.51 -25.91
C5 MAN C . -1.31 52.98 -25.21
C6 MAN C . -2.57 53.27 -26.00
O2 MAN C . 1.68 50.96 -26.87
O3 MAN C . 2.21 53.27 -26.36
O4 MAN C . 0.03 54.89 -25.60
O5 MAN C . -1.24 51.56 -24.87
O6 MAN C . -3.06 52.06 -26.63
C1 MAN C . 3.45 53.92 -26.12
C2 MAN C . 4.35 53.57 -24.97
C3 MAN C . 5.74 53.76 -25.58
C4 MAN C . 5.81 55.06 -26.42
C5 MAN C . 4.62 56.03 -26.26
C6 MAN C . 4.53 57.04 -27.39
O2 MAN C . 4.18 52.23 -24.51
O3 MAN C . 6.06 52.66 -26.44
O4 MAN C . 7.02 55.75 -26.15
O5 MAN C . 3.35 55.33 -26.20
O6 MAN C . 5.38 58.13 -27.17
C1 MAN C . -4.27 52.29 -27.29
C2 MAN C . -5.43 52.65 -26.29
C3 MAN C . -6.35 51.45 -26.02
C4 MAN C . -6.78 50.84 -27.33
C5 MAN C . -5.56 50.18 -27.96
C6 MAN C . -5.83 49.57 -29.32
O2 MAN C . -6.20 53.74 -26.78
O3 MAN C . -7.49 51.86 -25.25
O4 MAN C . -7.83 49.89 -27.14
O5 MAN C . -4.57 51.20 -28.20
O6 MAN C . -4.58 49.27 -29.99
C1 FUC C . -0.95 41.82 -24.77
C2 FUC C . 0.24 42.32 -25.65
C3 FUC C . 1.48 41.43 -25.74
C4 FUC C . 1.16 39.94 -25.65
C5 FUC C . 0.40 39.69 -24.35
C6 FUC C . -0.01 38.24 -24.16
O2 FUC C . 0.61 43.65 -25.28
O3 FUC C . 2.20 41.69 -26.95
O4 FUC C . 0.40 39.53 -26.78
O5 FUC C . -0.84 40.44 -24.34
C1 NAG D . 14.83 -20.95 -11.46
C2 NAG D . 15.27 -21.25 -12.88
C3 NAG D . 14.13 -22.01 -13.53
C4 NAG D . 13.90 -23.31 -12.78
C5 NAG D . 13.67 -23.07 -11.29
C6 NAG D . 13.73 -24.35 -10.45
C7 NAG D . 16.99 -19.71 -13.79
C8 NAG D . 18.03 -20.70 -13.33
N2 NAG D . 15.69 -20.11 -13.70
O3 NAG D . 14.44 -22.23 -14.91
O4 NAG D . 12.81 -24.04 -13.32
O5 NAG D . 14.68 -22.20 -10.76
O6 NAG D . 14.99 -25.01 -10.63
O7 NAG D . 17.31 -18.62 -14.28
C1 NAG D . 13.07 -25.48 -13.51
C2 NAG D . 11.73 -26.12 -13.77
C3 NAG D . 12.06 -27.56 -14.12
C4 NAG D . 13.11 -27.71 -15.24
C5 NAG D . 14.38 -26.85 -15.09
C6 NAG D . 14.85 -26.31 -16.42
C7 NAG D . 9.83 -25.65 -12.25
C8 NAG D . 9.28 -25.92 -10.89
N2 NAG D . 11.09 -26.05 -12.46
O3 NAG D . 10.84 -28.13 -14.56
O4 NAG D . 13.53 -29.08 -15.26
O5 NAG D . 14.26 -25.68 -14.27
O6 NAG D . 16.25 -26.44 -16.62
O7 NAG D . 9.16 -25.10 -13.13
C1 MAN D . 13.21 -29.92 -16.35
C2 MAN D . 11.69 -30.30 -16.32
C3 MAN D . 11.37 -31.79 -16.12
C4 MAN D . 12.35 -32.77 -16.80
C5 MAN D . 13.68 -32.15 -17.20
C6 MAN D . 13.74 -31.60 -18.61
O2 MAN D . 11.02 -29.77 -17.46
O3 MAN D . 10.04 -32.06 -16.55
O4 MAN D . 12.60 -33.84 -15.89
O5 MAN D . 14.03 -31.09 -16.29
O6 MAN D . 13.28 -32.53 -19.59
C1 FUC D . 15.02 -26.33 -10.15
C2 FUC D . 16.27 -27.04 -10.70
C3 FUC D . 17.54 -26.49 -10.05
C4 FUC D . 17.45 -26.54 -8.52
C5 FUC D . 16.18 -25.84 -8.05
C6 FUC D . 15.94 -25.95 -6.56
O2 FUC D . 16.34 -26.96 -12.11
O3 FUC D . 18.70 -27.17 -10.52
O4 FUC D . 17.50 -27.89 -8.05
O5 FUC D . 15.02 -26.39 -8.73
C1 NAG E . 7.77 40.00 -3.63
C2 NAG E . 6.40 40.59 -3.99
C3 NAG E . 6.56 42.11 -3.95
C4 NAG E . 7.01 42.58 -2.57
C5 NAG E . 8.32 41.89 -2.21
C6 NAG E . 8.82 42.15 -0.80
C7 NAG E . 4.76 39.83 -5.67
C8 NAG E . 4.54 39.55 -7.13
N2 NAG E . 6.01 40.14 -5.32
O3 NAG E . 5.33 42.74 -4.30
O4 NAG E . 7.20 43.99 -2.56
O5 NAG E . 8.16 40.46 -2.33
O6 NAG E . 8.05 43.10 -0.08
O7 NAG E . 3.84 39.79 -4.86
#